data_5CWF
#
_entry.id   5CWF
#
_cell.length_a   75.690
_cell.length_b   76.360
_cell.length_c   133.140
_cell.angle_alpha   90.000
_cell.angle_beta   90.000
_cell.angle_gamma   90.000
#
_symmetry.space_group_name_H-M   'P 21 21 2'
#
loop_
_entity.id
_entity.type
_entity.pdbx_description
1 polymer 'Designed helical repeat protein'
2 non-polymer 'CALCIUM ION'
3 water water
#
_entity_poly.entity_id   1
_entity_poly.type   'polypeptide(L)'
_entity_poly.pdbx_seq_one_letter_code
;MSDEMKKVMEALKKAVELAKKNNDDEVAREIERAAKEIVEALRENNSDEMAKVMLALAKAVLLAAKNNDDEVAREIARAA
AEIVEALRENNSDEMAKVMLALAKAVLLAAKNNDDEVAREIARAAAEIVEALRENNSDEMAKKMLELAKRVLDAAKNNDD
ETAREIARQAAEEVEADRENNSWLEHHHHHH
;
_entity_poly.pdbx_strand_id   A,B,C,D
#
# COMPACT_ATOMS: atom_id res chain seq x y z
N MET A 1 0.38 37.56 18.38
CA MET A 1 -0.32 36.24 18.44
C MET A 1 -1.63 36.32 19.20
N SER A 2 -2.71 35.92 18.54
CA SER A 2 -4.05 35.90 19.13
C SER A 2 -4.18 34.85 20.22
N ASP A 3 -5.29 34.93 20.96
CA ASP A 3 -5.58 33.98 22.02
C ASP A 3 -6.01 32.62 21.46
N GLU A 4 -6.69 32.61 20.31
CA GLU A 4 -7.03 31.35 19.68
C GLU A 4 -5.76 30.66 19.16
N MET A 5 -4.81 31.46 18.68
CA MET A 5 -3.54 30.91 18.25
C MET A 5 -2.77 30.36 19.44
N LYS A 6 -2.76 31.10 20.55
CA LYS A 6 -1.99 30.67 21.72
C LYS A 6 -2.48 29.30 22.20
N LYS A 7 -3.79 29.08 22.10
CA LYS A 7 -4.37 27.78 22.46
C LYS A 7 -3.93 26.67 21.53
N VAL A 8 -3.93 26.92 20.22
CA VAL A 8 -3.49 25.92 19.27
C VAL A 8 -2.01 25.60 19.45
N MET A 9 -1.20 26.60 19.75
CA MET A 9 0.24 26.39 19.93
C MET A 9 0.56 25.55 21.16
N GLU A 10 -0.19 25.78 22.23
CA GLU A 10 -0.06 24.98 23.44
C GLU A 10 -0.44 23.53 23.13
N ALA A 11 -1.42 23.35 22.24
CA ALA A 11 -1.82 22.00 21.86
C ALA A 11 -0.73 21.34 21.00
N LEU A 12 -0.09 22.14 20.16
CA LEU A 12 1.03 21.65 19.35
C LEU A 12 2.18 21.21 20.24
N LYS A 13 2.46 21.99 21.28
CA LYS A 13 3.51 21.63 22.24
C LYS A 13 3.16 20.30 22.90
N LYS A 14 1.88 20.08 23.20
CA LYS A 14 1.44 18.80 23.75
C LYS A 14 1.58 17.67 22.74
N ALA A 15 1.31 17.97 21.48
CA ALA A 15 1.42 16.97 20.43
C ALA A 15 2.88 16.51 20.24
N VAL A 16 3.81 17.44 20.41
CA VAL A 16 5.22 17.13 20.29
C VAL A 16 5.61 16.19 21.42
N GLU A 17 5.17 16.53 22.63
CA GLU A 17 5.49 15.74 23.80
C GLU A 17 4.90 14.33 23.72
N LEU A 18 3.68 14.23 23.19
CA LEU A 18 3.04 12.95 22.99
C LEU A 18 3.79 12.14 21.93
N ALA A 19 4.19 12.79 20.85
CA ALA A 19 4.97 12.10 19.83
C ALA A 19 6.25 11.55 20.44
N LYS A 20 6.94 12.35 21.26
CA LYS A 20 8.17 11.88 21.86
C LYS A 20 7.90 10.68 22.78
N LYS A 21 6.80 10.76 23.51
CA LYS A 21 6.43 9.69 24.47
C LYS A 21 6.30 8.35 23.77
N ASN A 22 5.79 8.39 22.53
CA ASN A 22 5.55 7.17 21.75
C ASN A 22 6.75 6.77 20.87
N ASN A 23 7.92 7.37 21.14
CA ASN A 23 9.16 7.15 20.37
C ASN A 23 9.04 7.54 18.88
N ASP A 24 8.17 8.50 18.58
CA ASP A 24 8.00 9.03 17.24
C ASP A 24 8.83 10.31 17.12
N ASP A 25 10.15 10.16 17.24
CA ASP A 25 11.03 11.32 17.36
C ASP A 25 11.07 12.16 16.09
N GLU A 26 11.03 11.51 14.93
CA GLU A 26 11.06 12.30 13.67
C GLU A 26 9.76 13.07 13.41
N VAL A 27 8.65 12.51 13.86
CA VAL A 27 7.36 13.22 13.77
C VAL A 27 7.42 14.44 14.66
N ALA A 28 7.93 14.26 15.89
CA ALA A 28 8.00 15.32 16.86
C ALA A 28 8.88 16.46 16.34
N ARG A 29 9.98 16.10 15.67
N ARG A 29 9.97 16.09 15.68
CA ARG A 29 10.87 17.11 15.12
CA ARG A 29 10.91 17.07 15.15
C ARG A 29 10.18 17.96 14.09
C ARG A 29 10.31 17.90 14.01
N GLU A 30 9.41 17.31 13.22
CA GLU A 30 8.76 18.04 12.14
C GLU A 30 7.62 18.90 12.64
N ILE A 31 6.86 18.42 13.62
CA ILE A 31 5.83 19.26 14.22
C ILE A 31 6.49 20.48 14.87
N GLU A 32 7.58 20.26 15.60
CA GLU A 32 8.27 21.35 16.23
C GLU A 32 8.83 22.34 15.21
N ARG A 33 9.39 21.85 14.10
CA ARG A 33 9.88 22.75 13.05
C ARG A 33 8.76 23.62 12.49
N ALA A 34 7.60 23.04 12.21
CA ALA A 34 6.49 23.81 11.68
C ALA A 34 6.01 24.85 12.69
N ALA A 35 5.83 24.43 13.94
CA ALA A 35 5.42 25.34 15.00
C ALA A 35 6.42 26.51 15.13
N LYS A 36 7.72 26.20 15.06
CA LYS A 36 8.72 27.25 15.24
C LYS A 36 8.69 28.25 14.07
N GLU A 37 8.51 27.73 12.87
N GLU A 37 8.52 27.76 12.86
CA GLU A 37 8.38 28.59 11.69
CA GLU A 37 8.38 28.66 11.70
C GLU A 37 7.19 29.55 11.81
C GLU A 37 7.19 29.59 11.86
N ILE A 38 6.06 29.02 12.26
CA ILE A 38 4.85 29.81 12.46
C ILE A 38 5.10 30.93 13.46
N VAL A 39 5.72 30.60 14.58
CA VAL A 39 5.98 31.60 15.61
C VAL A 39 6.87 32.74 15.07
N GLU A 40 7.92 32.41 14.33
N GLU A 40 7.91 32.39 14.32
CA GLU A 40 8.79 33.45 13.78
CA GLU A 40 8.79 33.41 13.74
C GLU A 40 8.06 34.29 12.72
C GLU A 40 8.04 34.28 12.73
N ALA A 41 7.22 33.65 11.90
CA ALA A 41 6.43 34.38 10.92
C ALA A 41 5.52 35.41 11.59
N LEU A 42 4.92 35.03 12.72
CA LEU A 42 4.00 35.94 13.41
C LEU A 42 4.75 37.05 14.19
N ARG A 43 5.98 36.77 14.60
N ARG A 43 5.98 36.78 14.60
CA ARG A 43 6.78 37.73 15.35
CA ARG A 43 6.78 37.75 15.34
C ARG A 43 7.10 38.96 14.49
C ARG A 43 7.09 38.97 14.48
N GLU A 44 7.30 38.74 13.19
CA GLU A 44 7.78 39.78 12.29
C GLU A 44 6.67 40.45 11.49
N ASN A 45 5.49 39.85 11.47
CA ASN A 45 4.43 40.26 10.56
C ASN A 45 3.06 40.30 11.23
N ASN A 46 2.49 41.49 11.33
CA ASN A 46 1.18 41.68 11.94
C ASN A 46 0.02 41.69 10.95
N SER A 47 0.28 41.19 9.73
CA SER A 47 -0.79 41.11 8.74
C SER A 47 -1.86 40.13 9.22
N ASP A 48 -3.14 40.51 9.10
CA ASP A 48 -4.24 39.63 9.50
C ASP A 48 -4.36 38.45 8.55
N GLU A 49 -4.08 38.69 7.28
N GLU A 49 -4.11 38.69 7.26
CA GLU A 49 -4.11 37.62 6.31
CA GLU A 49 -4.05 37.61 6.27
C GLU A 49 -3.05 36.57 6.71
C GLU A 49 -3.06 36.57 6.74
N MET A 50 -1.88 37.05 7.15
CA MET A 50 -0.84 36.16 7.65
C MET A 50 -1.35 35.32 8.81
N ALA A 51 -1.99 35.99 9.76
CA ALA A 51 -2.51 35.31 10.95
C ALA A 51 -3.51 34.24 10.55
N LYS A 52 -4.29 34.51 9.51
N LYS A 52 -4.32 34.53 9.53
CA LYS A 52 -5.32 33.60 9.04
CA LYS A 52 -5.32 33.59 9.04
C LYS A 52 -4.72 32.31 8.49
C LYS A 52 -4.68 32.30 8.54
N VAL A 53 -3.68 32.45 7.67
CA VAL A 53 -2.97 31.31 7.13
C VAL A 53 -2.29 30.52 8.25
N MET A 54 -1.65 31.22 9.19
CA MET A 54 -0.92 30.54 10.24
C MET A 54 -1.87 29.73 11.13
N LEU A 55 -3.06 30.25 11.40
CA LEU A 55 -4.01 29.50 12.23
C LEU A 55 -4.46 28.23 11.54
N ALA A 56 -4.76 28.33 10.26
CA ALA A 56 -5.19 27.16 9.51
C ALA A 56 -4.07 26.11 9.53
N LEU A 57 -2.84 26.53 9.30
CA LEU A 57 -1.71 25.58 9.29
C LEU A 57 -1.48 24.89 10.64
N ALA A 58 -1.53 25.68 11.70
CA ALA A 58 -1.36 25.15 13.04
C ALA A 58 -2.43 24.10 13.33
N LYS A 59 -3.68 24.38 13.00
CA LYS A 59 -4.75 23.39 13.19
C LYS A 59 -4.55 22.16 12.34
N ALA A 60 -4.01 22.33 11.13
CA ALA A 60 -3.85 21.18 10.23
C ALA A 60 -2.81 20.22 10.78
N VAL A 61 -1.72 20.77 11.30
CA VAL A 61 -0.67 19.93 11.86
C VAL A 61 -1.19 19.17 13.07
N LEU A 62 -1.95 19.87 13.91
CA LEU A 62 -2.49 19.30 15.14
C LEU A 62 -3.46 18.16 14.83
N LEU A 63 -4.33 18.37 13.85
CA LEU A 63 -5.28 17.34 13.47
C LEU A 63 -4.62 16.15 12.80
N ALA A 64 -3.59 16.41 12.00
CA ALA A 64 -2.87 15.33 11.34
C ALA A 64 -2.13 14.50 12.36
N ALA A 65 -1.57 15.15 13.37
CA ALA A 65 -0.84 14.40 14.40
C ALA A 65 -1.83 13.48 15.12
N LYS A 66 -3.06 13.92 15.24
CA LYS A 66 -4.08 13.15 15.96
C LYS A 66 -4.75 12.10 15.07
N ASN A 67 -4.99 12.43 13.81
CA ASN A 67 -5.79 11.60 12.93
C ASN A 67 -5.01 10.65 12.04
N ASN A 68 -3.84 11.07 11.58
CA ASN A 68 -3.17 10.30 10.53
C ASN A 68 -2.02 9.41 11.01
N ASP A 69 -1.64 8.49 10.13
CA ASP A 69 -0.43 7.68 10.26
C ASP A 69 0.79 8.56 10.53
N ASP A 70 1.79 8.04 11.24
CA ASP A 70 3.00 8.82 11.56
C ASP A 70 3.62 9.43 10.32
N GLU A 71 3.73 8.61 9.28
CA GLU A 71 4.45 9.07 8.10
C GLU A 71 3.62 10.10 7.32
N VAL A 72 2.30 10.01 7.37
CA VAL A 72 1.46 11.04 6.75
C VAL A 72 1.50 12.33 7.56
N ALA A 73 1.51 12.19 8.88
CA ALA A 73 1.60 13.31 9.79
C ALA A 73 2.87 14.11 9.49
N ARG A 74 3.96 13.40 9.22
CA ARG A 74 5.21 14.07 8.88
C ARG A 74 5.09 14.90 7.62
N GLU A 75 4.37 14.39 6.63
CA GLU A 75 4.22 15.11 5.36
C GLU A 75 3.38 16.36 5.50
N ILE A 76 2.32 16.31 6.30
N ILE A 76 2.33 16.30 6.31
CA ILE A 76 1.51 17.49 6.55
CA ILE A 76 1.51 17.47 6.59
C ILE A 76 2.34 18.52 7.32
C ILE A 76 2.34 18.51 7.31
N ALA A 77 3.08 18.08 8.33
CA ALA A 77 3.92 19.00 9.09
C ALA A 77 4.98 19.63 8.17
N ARG A 78 5.57 18.83 7.29
CA ARG A 78 6.56 19.39 6.37
C ARG A 78 5.92 20.40 5.43
N ALA A 79 4.74 20.06 4.89
CA ALA A 79 4.05 20.96 3.98
C ALA A 79 3.77 22.27 4.66
N ALA A 80 3.32 22.19 5.92
CA ALA A 80 3.02 23.40 6.68
C ALA A 80 4.27 24.26 6.85
N ALA A 81 5.38 23.66 7.27
CA ALA A 81 6.61 24.40 7.49
C ALA A 81 7.10 25.04 6.18
N GLU A 82 6.98 24.33 5.07
CA GLU A 82 7.47 24.87 3.79
C GLU A 82 6.54 26.00 3.30
N ILE A 83 5.24 25.90 3.58
CA ILE A 83 4.29 26.97 3.26
C ILE A 83 4.69 28.24 4.01
N VAL A 84 5.02 28.08 5.29
CA VAL A 84 5.41 29.25 6.08
C VAL A 84 6.72 29.81 5.57
N GLU A 85 7.70 28.95 5.25
CA GLU A 85 8.98 29.44 4.69
C GLU A 85 8.76 30.27 3.41
N ALA A 86 7.86 29.81 2.55
CA ALA A 86 7.56 30.51 1.30
C ALA A 86 6.92 31.87 1.56
N LEU A 87 6.02 31.91 2.54
CA LEU A 87 5.37 33.16 2.87
C LEU A 87 6.32 34.15 3.52
N ARG A 88 7.30 33.64 4.25
CA ARG A 88 8.25 34.54 4.87
C ARG A 88 9.16 35.14 3.79
N GLU A 89 9.33 34.45 2.67
CA GLU A 89 10.09 35.04 1.57
C GLU A 89 9.28 36.09 0.82
N ASN A 90 7.99 35.84 0.64
CA ASN A 90 7.15 36.77 -0.11
C ASN A 90 5.71 36.62 0.35
N ASN A 91 5.15 37.65 1.01
CA ASN A 91 3.74 37.57 1.45
C ASN A 91 2.92 38.64 0.78
N SER A 92 3.14 38.80 -0.53
CA SER A 92 2.28 39.64 -1.37
C SER A 92 0.84 39.17 -1.22
N ASP A 93 -0.12 39.99 -1.61
CA ASP A 93 -1.53 39.59 -1.45
C ASP A 93 -1.83 38.33 -2.28
N GLU A 94 -1.21 38.20 -3.44
CA GLU A 94 -1.37 37.00 -4.27
C GLU A 94 -0.74 35.75 -3.62
N MET A 95 0.44 35.89 -3.05
CA MET A 95 1.08 34.76 -2.36
C MET A 95 0.25 34.30 -1.18
N ALA A 96 -0.32 35.24 -0.44
CA ALA A 96 -1.14 34.88 0.71
C ALA A 96 -2.38 34.14 0.25
N LYS A 97 -2.95 34.51 -0.87
CA LYS A 97 -4.12 33.80 -1.38
C LYS A 97 -3.80 32.35 -1.72
N VAL A 98 -2.66 32.13 -2.36
CA VAL A 98 -2.24 30.77 -2.68
C VAL A 98 -2.10 29.96 -1.40
N MET A 99 -1.39 30.53 -0.44
CA MET A 99 -1.07 29.81 0.76
C MET A 99 -2.30 29.60 1.63
N LEU A 100 -3.26 30.54 1.59
CA LEU A 100 -4.47 30.32 2.38
C LEU A 100 -5.25 29.13 1.80
N ALA A 101 -5.32 29.05 0.48
CA ALA A 101 -6.00 27.93 -0.17
C ALA A 101 -5.32 26.62 0.17
N LEU A 102 -3.98 26.58 0.17
CA LEU A 102 -3.28 25.36 0.49
C LEU A 102 -3.44 25.00 1.96
N ALA A 103 -3.39 26.00 2.85
CA ALA A 103 -3.58 25.76 4.28
C ALA A 103 -4.97 25.20 4.55
N LYS A 104 -5.97 25.73 3.88
CA LYS A 104 -7.33 25.22 4.02
C LYS A 104 -7.43 23.78 3.52
N ALA A 105 -6.70 23.47 2.45
CA ALA A 105 -6.74 22.11 1.88
C ALA A 105 -6.08 21.06 2.78
N VAL A 106 -4.91 21.38 3.34
CA VAL A 106 -4.26 20.43 4.22
C VAL A 106 -5.07 20.29 5.51
N LEU A 107 -5.72 21.35 5.95
CA LEU A 107 -6.57 21.24 7.15
C LEU A 107 -7.76 20.31 6.91
N LEU A 108 -8.43 20.49 5.79
CA LEU A 108 -9.57 19.64 5.48
C LEU A 108 -9.11 18.18 5.28
N ALA A 109 -7.98 18.00 4.60
CA ALA A 109 -7.46 16.66 4.40
C ALA A 109 -7.14 16.01 5.75
N ALA A 110 -6.50 16.76 6.64
CA ALA A 110 -6.19 16.22 7.98
C ALA A 110 -7.46 15.92 8.78
N LYS A 111 -8.53 16.65 8.49
CA LYS A 111 -9.78 16.52 9.23
C LYS A 111 -10.64 15.37 8.71
N ASN A 112 -10.44 15.01 7.46
CA ASN A 112 -11.26 13.98 6.82
C ASN A 112 -10.80 12.56 7.17
N ASN A 113 -9.69 12.43 7.91
CA ASN A 113 -9.25 11.12 8.37
C ASN A 113 -8.90 10.07 7.28
N ASP A 114 -8.58 10.51 6.06
CA ASP A 114 -8.11 9.59 5.02
C ASP A 114 -6.58 9.74 4.75
N ASP A 115 -5.79 8.71 5.08
CA ASP A 115 -4.32 8.84 4.97
C ASP A 115 -3.82 9.05 3.55
N GLU A 116 -4.45 8.43 2.56
CA GLU A 116 -3.98 8.54 1.18
C GLU A 116 -4.27 9.94 0.63
N VAL A 117 -5.45 10.45 0.94
CA VAL A 117 -5.80 11.80 0.52
C VAL A 117 -4.92 12.83 1.23
N ALA A 118 -4.70 12.65 2.52
CA ALA A 118 -3.91 13.58 3.28
C ALA A 118 -2.50 13.63 2.69
N ARG A 119 -1.94 12.48 2.37
N ARG A 119 -1.94 12.47 2.40
CA ARG A 119 -0.61 12.42 1.80
CA ARG A 119 -0.63 12.39 1.78
C ARG A 119 -0.53 13.13 0.44
C ARG A 119 -0.59 13.19 0.48
N GLU A 120 -1.52 12.90 -0.42
CA GLU A 120 -1.46 13.47 -1.76
C GLU A 120 -1.76 14.97 -1.77
N ILE A 121 -2.65 15.43 -0.88
CA ILE A 121 -2.92 16.88 -0.78
C ILE A 121 -1.66 17.59 -0.28
N ALA A 122 -1.00 17.03 0.73
CA ALA A 122 0.22 17.64 1.25
C ALA A 122 1.27 17.70 0.15
N ARG A 123 1.38 16.67 -0.67
CA ARG A 123 2.39 16.64 -1.72
C ARG A 123 2.12 17.66 -2.84
N ALA A 124 0.85 17.82 -3.18
CA ALA A 124 0.45 18.79 -4.17
C ALA A 124 0.77 20.22 -3.68
N ALA A 125 0.43 20.49 -2.42
CA ALA A 125 0.76 21.76 -1.78
C ALA A 125 2.26 21.98 -1.83
N ALA A 126 3.02 20.94 -1.48
CA ALA A 126 4.47 21.08 -1.50
C ALA A 126 5.02 21.38 -2.89
N GLU A 127 4.42 20.83 -3.93
CA GLU A 127 4.92 21.07 -5.27
C GLU A 127 4.68 22.50 -5.69
N ILE A 128 3.51 23.01 -5.32
CA ILE A 128 3.12 24.38 -5.63
C ILE A 128 4.02 25.36 -4.88
N VAL A 129 4.28 25.06 -3.59
CA VAL A 129 5.20 25.92 -2.82
C VAL A 129 6.58 25.95 -3.46
N GLU A 130 7.09 24.78 -3.81
CA GLU A 130 8.43 24.67 -4.41
C GLU A 130 8.52 25.51 -5.68
N ALA A 131 7.46 25.49 -6.48
CA ALA A 131 7.42 26.26 -7.73
C ALA A 131 7.52 27.76 -7.45
N LEU A 132 6.80 28.21 -6.44
CA LEU A 132 6.78 29.62 -6.11
C LEU A 132 8.12 30.07 -5.53
N ARG A 133 8.80 29.18 -4.82
CA ARG A 133 10.10 29.60 -4.26
C ARG A 133 11.16 29.72 -5.34
N GLU A 134 10.96 29.00 -6.45
CA GLU A 134 11.84 29.14 -7.61
C GLU A 134 11.53 30.43 -8.35
N ASN A 135 10.24 30.77 -8.41
CA ASN A 135 9.80 31.99 -9.08
C ASN A 135 8.46 32.48 -8.53
N ASN A 136 8.49 33.53 -7.72
CA ASN A 136 7.25 34.01 -7.08
C ASN A 136 6.82 35.35 -7.66
N SER A 137 7.02 35.47 -8.97
CA SER A 137 6.49 36.56 -9.76
C SER A 137 4.97 36.62 -9.67
N ASP A 138 4.42 37.80 -9.91
CA ASP A 138 2.97 37.98 -9.95
C ASP A 138 2.34 36.96 -10.89
N GLU A 139 2.96 36.75 -12.06
CA GLU A 139 2.44 35.81 -13.04
C GLU A 139 2.48 34.35 -12.58
N MET A 140 3.57 33.92 -11.94
CA MET A 140 3.62 32.55 -11.46
C MET A 140 2.61 32.37 -10.33
N ALA A 141 2.48 33.38 -9.48
CA ALA A 141 1.56 33.28 -8.34
C ALA A 141 0.11 33.15 -8.80
N LYS A 142 -0.25 33.82 -9.88
CA LYS A 142 -1.61 33.71 -10.40
C LYS A 142 -1.88 32.30 -10.92
N LYS A 143 -0.91 31.74 -11.63
CA LYS A 143 -1.01 30.36 -12.10
C LYS A 143 -1.14 29.38 -10.94
N MET A 144 -0.31 29.59 -9.91
CA MET A 144 -0.32 28.64 -8.79
C MET A 144 -1.59 28.80 -7.96
N LEU A 145 -2.22 29.98 -8.01
CA LEU A 145 -3.47 30.19 -7.27
C LEU A 145 -4.57 29.32 -7.85
N GLU A 146 -4.62 29.21 -9.16
CA GLU A 146 -5.62 28.36 -9.80
C GLU A 146 -5.41 26.88 -9.44
N LEU A 147 -4.16 26.47 -9.36
CA LEU A 147 -3.87 25.09 -8.95
C LEU A 147 -4.18 24.84 -7.48
N ALA A 148 -3.89 25.82 -6.64
CA ALA A 148 -4.18 25.72 -5.21
C ALA A 148 -5.67 25.62 -4.94
N LYS A 149 -6.45 26.36 -5.72
N LYS A 149 -6.47 26.35 -5.70
CA LYS A 149 -7.90 26.29 -5.62
CA LYS A 149 -7.91 26.25 -5.58
C LYS A 149 -8.37 24.88 -5.96
C LYS A 149 -8.35 24.84 -5.93
N ARG A 150 -7.70 24.25 -6.93
CA ARG A 150 -8.07 22.88 -7.33
C ARG A 150 -7.66 21.85 -6.27
N VAL A 151 -6.56 22.10 -5.56
CA VAL A 151 -6.14 21.23 -4.47
C VAL A 151 -7.18 21.26 -3.35
N LEU A 152 -7.66 22.45 -3.03
CA LEU A 152 -8.70 22.60 -2.02
C LEU A 152 -9.97 21.87 -2.43
N ASP A 153 -10.35 21.96 -3.71
CA ASP A 153 -11.55 21.27 -4.19
C ASP A 153 -11.34 19.75 -4.09
N ALA A 154 -10.12 19.30 -4.40
CA ALA A 154 -9.79 17.88 -4.31
C ALA A 154 -9.87 17.36 -2.89
N ALA A 155 -9.44 18.18 -1.93
CA ALA A 155 -9.58 17.82 -0.53
C ALA A 155 -11.06 17.72 -0.16
N LYS A 156 -11.84 18.66 -0.67
CA LYS A 156 -13.28 18.68 -0.40
C LYS A 156 -13.99 17.45 -0.97
N ASN A 157 -13.46 16.92 -2.07
CA ASN A 157 -14.01 15.75 -2.72
C ASN A 157 -13.33 14.44 -2.32
N ASN A 158 -12.40 14.52 -1.35
CA ASN A 158 -11.63 13.36 -0.91
C ASN A 158 -11.04 12.61 -2.13
N ASP A 159 -10.41 13.36 -3.02
CA ASP A 159 -10.02 12.87 -4.34
C ASP A 159 -8.49 12.81 -4.48
N ASP A 160 -7.91 11.67 -4.12
CA ASP A 160 -6.45 11.53 -4.11
C ASP A 160 -5.88 11.48 -5.53
N GLU A 161 -6.65 10.93 -6.48
CA GLU A 161 -6.20 10.83 -7.85
C GLU A 161 -6.01 12.23 -8.45
N THR A 162 -6.99 13.10 -8.21
CA THR A 162 -6.91 14.47 -8.72
C THR A 162 -5.79 15.25 -8.02
N ALA A 163 -5.59 15.01 -6.73
CA ALA A 163 -4.48 15.66 -6.04
C ALA A 163 -3.14 15.33 -6.71
N ARG A 164 -2.93 14.06 -7.06
CA ARG A 164 -1.68 13.66 -7.70
C ARG A 164 -1.51 14.33 -9.06
N GLU A 165 -2.60 14.47 -9.81
N GLU A 165 -2.61 14.48 -9.79
CA GLU A 165 -2.53 15.16 -11.10
CA GLU A 165 -2.63 15.15 -11.08
C GLU A 165 -2.13 16.62 -10.95
C GLU A 165 -2.19 16.61 -10.98
N ILE A 166 -2.66 17.29 -9.94
CA ILE A 166 -2.32 18.69 -9.72
C ILE A 166 -0.83 18.79 -9.36
N ALA A 167 -0.32 17.85 -8.58
CA ALA A 167 1.09 17.87 -8.22
C ALA A 167 1.99 17.75 -9.43
N ARG A 168 1.63 16.87 -10.36
CA ARG A 168 2.37 16.72 -11.61
C ARG A 168 2.31 17.99 -12.47
N GLN A 169 1.14 18.59 -12.58
CA GLN A 169 0.99 19.83 -13.35
C GLN A 169 1.79 20.97 -12.74
N ALA A 170 1.84 21.05 -11.41
CA ALA A 170 2.63 22.10 -10.77
C ALA A 170 4.12 21.89 -11.08
N ALA A 171 4.60 20.65 -11.01
CA ALA A 171 6.00 20.35 -11.30
C ALA A 171 6.35 20.66 -12.76
N GLU A 172 5.40 20.40 -13.66
CA GLU A 172 5.60 20.68 -15.09
C GLU A 172 5.45 22.15 -15.47
N GLU A 173 4.66 22.92 -14.73
CA GLU A 173 4.57 24.35 -14.97
C GLU A 173 5.91 24.99 -14.63
N VAL A 174 6.58 24.47 -13.60
CA VAL A 174 7.92 24.92 -13.23
C VAL A 174 8.84 24.70 -14.41
N GLU A 175 8.75 23.51 -15.00
CA GLU A 175 9.56 23.15 -16.14
C GLU A 175 9.31 24.13 -17.28
N ALA A 176 8.03 24.43 -17.54
CA ALA A 176 7.67 25.37 -18.60
C ALA A 176 8.24 26.76 -18.34
N ASP A 177 8.19 27.19 -17.09
CA ASP A 177 8.70 28.51 -16.73
C ASP A 177 10.21 28.58 -16.91
N ASP B 3 22.66 -5.65 -30.50
CA ASP B 3 21.64 -6.68 -30.63
C ASP B 3 21.19 -7.17 -29.25
N GLU B 4 22.12 -7.17 -28.30
CA GLU B 4 21.78 -7.47 -26.91
C GLU B 4 20.89 -6.34 -26.39
N MET B 5 21.17 -5.14 -26.89
CA MET B 5 20.38 -3.97 -26.57
C MET B 5 18.98 -4.08 -27.17
N LYS B 6 18.94 -4.51 -28.42
CA LYS B 6 17.72 -4.57 -29.23
C LYS B 6 16.57 -5.48 -28.76
N LYS B 7 16.89 -6.60 -28.11
CA LYS B 7 15.85 -7.54 -27.71
C LYS B 7 14.84 -6.91 -26.75
N VAL B 8 15.32 -6.16 -25.76
CA VAL B 8 14.44 -5.46 -24.83
C VAL B 8 13.63 -4.41 -25.58
N MET B 9 14.28 -3.77 -26.54
CA MET B 9 13.65 -2.71 -27.30
C MET B 9 12.51 -3.29 -28.13
N GLU B 10 12.69 -4.53 -28.59
CA GLU B 10 11.62 -5.25 -29.28
C GLU B 10 10.47 -5.51 -28.32
N ALA B 11 10.81 -5.81 -27.07
CA ALA B 11 9.81 -6.02 -26.02
C ALA B 11 9.20 -4.68 -25.62
N LEU B 12 10.03 -3.63 -25.60
CA LEU B 12 9.59 -2.29 -25.26
C LEU B 12 8.50 -1.80 -26.20
N LYS B 13 8.74 -1.97 -27.50
CA LYS B 13 7.76 -1.62 -28.52
C LYS B 13 6.54 -2.52 -28.36
N LYS B 14 6.79 -3.78 -28.00
CA LYS B 14 5.73 -4.74 -27.72
C LYS B 14 5.00 -4.38 -26.44
N ALA B 15 5.75 -3.88 -25.46
CA ALA B 15 5.19 -3.46 -24.19
C ALA B 15 4.22 -2.31 -24.37
N VAL B 16 4.51 -1.45 -25.36
CA VAL B 16 3.62 -0.37 -25.71
C VAL B 16 2.33 -0.96 -26.27
N GLU B 17 2.49 -1.95 -27.16
CA GLU B 17 1.36 -2.63 -27.75
C GLU B 17 0.56 -3.35 -26.67
N LEU B 18 1.28 -3.90 -25.70
CA LEU B 18 0.67 -4.56 -24.56
C LEU B 18 -0.14 -3.57 -23.73
N ALA B 19 0.43 -2.38 -23.54
CA ALA B 19 -0.26 -1.31 -22.82
C ALA B 19 -1.57 -0.99 -23.53
N LYS B 20 -1.52 -0.91 -24.86
CA LYS B 20 -2.71 -0.64 -25.66
C LYS B 20 -3.74 -1.75 -25.40
N LYS B 21 -3.25 -2.98 -25.28
CA LYS B 21 -4.12 -4.13 -25.03
C LYS B 21 -4.91 -3.97 -23.73
N ASP B 24 -7.18 2.94 -18.20
CA ASP B 24 -5.83 2.42 -18.37
C ASP B 24 -5.06 3.22 -19.42
N ASP B 25 -5.74 4.16 -20.08
CA ASP B 25 -5.13 4.86 -21.20
C ASP B 25 -4.03 5.82 -20.80
N GLU B 26 -4.20 6.54 -19.69
CA GLU B 26 -3.19 7.51 -19.28
C GLU B 26 -1.94 6.77 -18.84
N VAL B 27 -2.10 5.56 -18.32
CA VAL B 27 -0.96 4.71 -18.04
C VAL B 27 -0.29 4.34 -19.36
N ALA B 28 -1.08 3.91 -20.34
CA ALA B 28 -0.51 3.51 -21.63
C ALA B 28 0.22 4.70 -22.28
N ARG B 29 -0.35 5.89 -22.16
CA ARG B 29 0.27 7.09 -22.73
C ARG B 29 1.60 7.41 -22.02
N GLU B 30 1.64 7.22 -20.71
CA GLU B 30 2.87 7.50 -19.95
C GLU B 30 3.93 6.47 -20.31
N ILE B 31 3.52 5.21 -20.50
CA ILE B 31 4.46 4.20 -20.97
C ILE B 31 4.98 4.55 -22.36
N GLU B 32 4.09 4.98 -23.24
CA GLU B 32 4.48 5.39 -24.59
C GLU B 32 5.42 6.61 -24.58
N ARG B 33 5.15 7.61 -23.74
CA ARG B 33 6.04 8.75 -23.59
C ARG B 33 7.46 8.35 -23.18
N ALA B 34 7.56 7.45 -22.23
CA ALA B 34 8.85 6.99 -21.75
C ALA B 34 9.58 6.24 -22.87
N ALA B 35 8.89 5.35 -23.54
CA ALA B 35 9.48 4.57 -24.64
C ALA B 35 10.05 5.50 -25.72
N LYS B 36 9.30 6.55 -26.03
N LYS B 36 9.31 6.55 -26.03
CA LYS B 36 9.69 7.48 -27.08
CA LYS B 36 9.71 7.47 -27.09
C LYS B 36 10.91 8.32 -26.68
C LYS B 36 10.90 8.32 -26.69
N GLU B 37 10.94 8.75 -25.43
CA GLU B 37 12.10 9.48 -24.91
C GLU B 37 13.34 8.57 -24.98
N ILE B 38 13.20 7.32 -24.56
CA ILE B 38 14.33 6.39 -24.57
C ILE B 38 14.85 6.21 -25.99
N VAL B 39 13.94 5.95 -26.92
CA VAL B 39 14.33 5.74 -28.31
C VAL B 39 15.02 6.96 -28.89
N GLU B 40 14.44 8.13 -28.62
CA GLU B 40 14.97 9.37 -29.17
C GLU B 40 16.35 9.69 -28.56
N ALA B 41 16.51 9.39 -27.28
CA ALA B 41 17.81 9.54 -26.62
C ALA B 41 18.88 8.68 -27.32
N LEU B 42 18.50 7.45 -27.65
CA LEU B 42 19.40 6.50 -28.27
C LEU B 42 19.67 6.89 -29.73
N ARG B 43 18.71 7.59 -30.34
CA ARG B 43 18.89 8.00 -31.72
C ARG B 43 20.05 8.98 -31.81
N GLU B 44 20.17 9.84 -30.80
CA GLU B 44 21.10 10.98 -30.82
C GLU B 44 22.41 10.75 -30.08
N ASN B 45 22.47 9.73 -29.21
CA ASN B 45 23.65 9.49 -28.37
C ASN B 45 23.98 8.01 -28.32
N ASN B 46 25.13 7.66 -28.90
CA ASN B 46 25.59 6.28 -28.96
C ASN B 46 26.61 5.91 -27.88
N SER B 47 26.76 6.75 -26.86
CA SER B 47 27.73 6.45 -25.80
C SER B 47 27.32 5.22 -25.01
N ASP B 48 28.32 4.47 -24.56
CA ASP B 48 28.08 3.25 -23.81
C ASP B 48 27.39 3.51 -22.48
N GLU B 49 27.76 4.58 -21.79
CA GLU B 49 27.08 4.92 -20.54
C GLU B 49 25.61 5.22 -20.79
N MET B 50 25.31 5.95 -21.87
CA MET B 50 23.91 6.19 -22.25
C MET B 50 23.18 4.86 -22.43
N ALA B 51 23.81 3.93 -23.13
CA ALA B 51 23.21 2.62 -23.39
C ALA B 51 22.89 1.90 -22.08
N LYS B 52 23.73 2.07 -21.07
CA LYS B 52 23.52 1.38 -19.78
C LYS B 52 22.29 1.93 -19.05
N VAL B 53 22.17 3.25 -18.98
CA VAL B 53 21.04 3.89 -18.33
C VAL B 53 19.75 3.53 -19.06
N MET B 54 19.76 3.61 -20.39
CA MET B 54 18.57 3.37 -21.17
C MET B 54 18.08 1.90 -21.04
N LEU B 55 19.01 0.96 -20.97
CA LEU B 55 18.65 -0.44 -20.80
C LEU B 55 17.92 -0.68 -19.46
N ALA B 56 18.43 -0.07 -18.40
CA ALA B 56 17.83 -0.20 -17.09
C ALA B 56 16.40 0.35 -17.12
N LEU B 57 16.25 1.51 -17.74
CA LEU B 57 14.95 2.15 -17.87
C LEU B 57 13.99 1.38 -18.78
N ALA B 58 14.48 0.87 -19.90
CA ALA B 58 13.62 0.05 -20.78
C ALA B 58 13.08 -1.17 -20.05
N LYS B 59 13.94 -1.83 -19.28
CA LYS B 59 13.51 -2.97 -18.48
C LYS B 59 12.48 -2.55 -17.44
N ALA B 60 12.64 -1.36 -16.87
CA ALA B 60 11.72 -0.89 -15.84
C ALA B 60 10.35 -0.58 -16.42
N VAL B 61 10.33 0.05 -17.61
CA VAL B 61 9.07 0.38 -18.26
C VAL B 61 8.35 -0.90 -18.65
N LEU B 62 9.08 -1.91 -19.09
CA LEU B 62 8.48 -3.21 -19.41
C LEU B 62 7.80 -3.82 -18.19
N LEU B 63 8.46 -3.77 -17.04
CA LEU B 63 7.90 -4.31 -15.81
C LEU B 63 6.74 -3.45 -15.35
N ALA B 64 6.83 -2.15 -15.61
CA ALA B 64 5.75 -1.22 -15.26
C ALA B 64 4.47 -1.56 -16.03
N ALA B 65 4.64 -1.99 -17.27
CA ALA B 65 3.51 -2.38 -18.12
C ALA B 65 2.77 -3.60 -17.57
N LYS B 66 3.49 -4.44 -16.85
CA LYS B 66 2.94 -5.68 -16.27
C LYS B 66 2.28 -5.46 -14.91
N ASN B 67 2.35 -4.25 -14.36
CA ASN B 67 1.94 -4.05 -12.99
C ASN B 67 0.43 -3.78 -12.92
N ASN B 68 -0.30 -4.48 -12.05
CA ASN B 68 -1.75 -4.36 -12.11
C ASN B 68 -2.21 -3.27 -11.13
N ASP B 69 -1.25 -2.48 -10.63
CA ASP B 69 -1.56 -1.26 -9.90
C ASP B 69 -1.20 -0.06 -10.81
N ASP B 70 -2.22 0.59 -11.37
CA ASP B 70 -2.01 1.71 -12.30
C ASP B 70 -1.14 2.83 -11.74
N GLU B 71 -1.31 3.11 -10.46
CA GLU B 71 -0.59 4.23 -9.85
C GLU B 71 0.89 3.90 -9.74
N VAL B 72 1.21 2.61 -9.57
CA VAL B 72 2.61 2.21 -9.59
C VAL B 72 3.17 2.26 -11.00
N ALA B 73 2.41 1.74 -11.97
CA ALA B 73 2.88 1.73 -13.35
C ALA B 73 3.17 3.14 -13.86
N ARG B 74 2.25 4.04 -13.56
CA ARG B 74 2.41 5.42 -14.00
C ARG B 74 3.62 6.08 -13.34
N GLU B 75 3.83 5.80 -12.05
CA GLU B 75 4.92 6.45 -11.35
C GLU B 75 6.29 5.99 -11.87
N ILE B 76 6.38 4.70 -12.18
CA ILE B 76 7.60 4.13 -12.73
C ILE B 76 7.86 4.72 -14.13
N ALA B 77 6.83 4.75 -14.96
CA ALA B 77 6.95 5.26 -16.31
C ALA B 77 7.35 6.73 -16.31
N ARG B 78 6.74 7.48 -15.40
N ARG B 78 6.74 7.52 -15.43
CA ARG B 78 7.01 8.89 -15.26
CA ARG B 78 7.07 8.95 -15.37
C ARG B 78 8.46 9.13 -14.83
C ARG B 78 8.48 9.16 -14.81
N ALA B 79 8.90 8.35 -13.85
CA ALA B 79 10.28 8.46 -13.33
C ALA B 79 11.29 8.23 -14.45
N ALA B 80 11.02 7.19 -15.25
CA ALA B 80 11.85 6.84 -16.37
C ALA B 80 11.92 7.99 -17.38
N ALA B 81 10.75 8.53 -17.71
CA ALA B 81 10.67 9.62 -18.68
C ALA B 81 11.44 10.87 -18.20
N GLU B 82 11.35 11.17 -16.91
CA GLU B 82 12.01 12.37 -16.38
C GLU B 82 13.53 12.22 -16.30
N ILE B 83 13.99 11.00 -16.01
CA ILE B 83 15.43 10.73 -16.03
C ILE B 83 15.96 10.96 -17.46
N VAL B 84 15.24 10.44 -18.45
CA VAL B 84 15.71 10.63 -19.81
C VAL B 84 15.68 12.11 -20.18
N GLU B 85 14.61 12.82 -19.82
CA GLU B 85 14.57 14.26 -20.13
C GLU B 85 15.75 15.01 -19.55
N ALA B 86 16.09 14.68 -18.31
CA ALA B 86 17.17 15.35 -17.61
C ALA B 86 18.52 15.08 -18.29
N LEU B 87 18.72 13.84 -18.70
CA LEU B 87 19.97 13.44 -19.36
C LEU B 87 20.04 14.04 -20.77
N ARG B 88 18.90 14.20 -21.41
CA ARG B 88 18.91 14.85 -22.71
C ARG B 88 19.20 16.35 -22.59
N GLU B 89 18.94 16.94 -21.44
CA GLU B 89 19.33 18.33 -21.24
C GLU B 89 20.84 18.45 -21.01
N ASN B 90 21.40 17.50 -20.26
CA ASN B 90 22.82 17.54 -19.91
C ASN B 90 23.30 16.11 -19.60
N ASN B 91 24.18 15.53 -20.42
CA ASN B 91 24.72 14.19 -20.11
C ASN B 91 26.22 14.21 -19.88
N SER B 92 26.66 15.22 -19.12
CA SER B 92 28.03 15.22 -18.62
C SER B 92 28.29 13.92 -17.85
N ASP B 93 29.56 13.62 -17.62
CA ASP B 93 29.89 12.39 -16.93
C ASP B 93 29.31 12.37 -15.50
N GLU B 94 29.26 13.53 -14.86
CA GLU B 94 28.66 13.63 -13.53
C GLU B 94 27.13 13.40 -13.56
N MET B 95 26.44 13.98 -14.55
CA MET B 95 25.01 13.75 -14.70
C MET B 95 24.75 12.27 -14.98
N ALA B 96 25.59 11.67 -15.81
CA ALA B 96 25.37 10.26 -16.18
C ALA B 96 25.52 9.33 -14.99
N LYS B 97 26.42 9.64 -14.07
CA LYS B 97 26.59 8.82 -12.86
C LYS B 97 25.34 8.86 -11.99
N VAL B 98 24.80 10.07 -11.80
CA VAL B 98 23.57 10.23 -11.05
C VAL B 98 22.42 9.44 -11.70
N MET B 99 22.28 9.60 -13.01
CA MET B 99 21.15 9.03 -13.70
C MET B 99 21.26 7.49 -13.76
N LEU B 100 22.46 6.94 -13.81
CA LEU B 100 22.61 5.49 -13.76
C LEU B 100 22.15 4.93 -12.40
N ALA B 101 22.51 5.62 -11.32
CA ALA B 101 22.10 5.17 -9.99
C ALA B 101 20.58 5.23 -9.83
N LEU B 102 19.95 6.28 -10.32
CA LEU B 102 18.50 6.42 -10.22
C LEU B 102 17.79 5.40 -11.13
N ALA B 103 18.34 5.15 -12.32
CA ALA B 103 17.77 4.15 -13.22
C ALA B 103 17.81 2.76 -12.60
N LYS B 104 18.91 2.44 -11.94
CA LYS B 104 19.00 1.15 -11.24
C LYS B 104 17.98 1.10 -10.13
N ALA B 105 17.77 2.22 -9.46
CA ALA B 105 16.79 2.27 -8.37
C ALA B 105 15.37 2.11 -8.91
N VAL B 106 15.07 2.75 -10.03
CA VAL B 106 13.74 2.63 -10.61
C VAL B 106 13.48 1.20 -11.12
N LEU B 107 14.52 0.53 -11.61
CA LEU B 107 14.37 -0.85 -12.02
C LEU B 107 14.06 -1.71 -10.79
N LEU B 108 14.77 -1.48 -9.69
CA LEU B 108 14.45 -2.22 -8.46
C LEU B 108 13.02 -1.94 -8.00
N ALA B 109 12.57 -0.70 -8.10
CA ALA B 109 11.21 -0.36 -7.75
C ALA B 109 10.21 -1.15 -8.60
N ALA B 110 10.46 -1.25 -9.90
CA ALA B 110 9.57 -1.96 -10.83
C ALA B 110 9.48 -3.46 -10.52
N LYS B 111 10.53 -3.99 -9.90
CA LYS B 111 10.56 -5.41 -9.49
C LYS B 111 9.91 -5.67 -8.12
N ASN B 112 9.70 -4.62 -7.34
CA ASN B 112 9.19 -4.79 -5.98
C ASN B 112 7.69 -5.08 -5.95
N ASN B 113 7.30 -6.16 -5.28
CA ASN B 113 5.91 -6.52 -5.23
C ASN B 113 5.11 -5.77 -4.15
N ASP B 114 5.78 -4.93 -3.39
CA ASP B 114 5.10 -4.10 -2.39
C ASP B 114 4.81 -2.79 -3.11
N ASP B 115 3.55 -2.54 -3.44
CA ASP B 115 3.20 -1.43 -4.30
C ASP B 115 3.60 -0.09 -3.65
N GLU B 116 3.51 -0.04 -2.32
CA GLU B 116 3.80 1.18 -1.56
C GLU B 116 5.28 1.55 -1.67
N VAL B 117 6.14 0.54 -1.53
CA VAL B 117 7.57 0.76 -1.68
C VAL B 117 7.92 1.11 -3.11
N ALA B 118 7.36 0.38 -4.06
CA ALA B 118 7.71 0.62 -5.45
C ALA B 118 7.37 2.06 -5.87
N ARG B 119 6.19 2.55 -5.49
CA ARG B 119 5.80 3.89 -5.92
C ARG B 119 6.67 4.96 -5.21
N GLU B 120 7.01 4.73 -3.95
CA GLU B 120 7.76 5.69 -3.18
C GLU B 120 9.21 5.79 -3.66
N ILE B 121 9.81 4.67 -4.05
CA ILE B 121 11.17 4.69 -4.61
C ILE B 121 11.20 5.41 -5.93
N ALA B 122 10.24 5.07 -6.80
CA ALA B 122 10.20 5.74 -8.08
C ALA B 122 9.96 7.24 -7.92
N ARG B 123 9.09 7.63 -6.99
CA ARG B 123 8.84 9.04 -6.77
C ARG B 123 10.10 9.72 -6.22
N ALA B 124 10.83 9.06 -5.34
CA ALA B 124 12.04 9.65 -4.75
C ALA B 124 13.11 9.92 -5.81
N ALA B 125 13.24 8.95 -6.71
CA ALA B 125 14.10 9.09 -7.86
C ALA B 125 13.72 10.32 -8.67
N ALA B 126 12.43 10.44 -8.98
CA ALA B 126 11.91 11.56 -9.75
C ALA B 126 12.14 12.92 -9.06
N GLU B 127 12.11 12.93 -7.73
CA GLU B 127 12.34 14.18 -6.97
C GLU B 127 13.78 14.66 -7.05
N ILE B 128 14.70 13.70 -7.05
CA ILE B 128 16.12 14.01 -7.20
C ILE B 128 16.35 14.57 -8.61
N VAL B 129 15.72 13.96 -9.61
CA VAL B 129 15.83 14.47 -10.97
C VAL B 129 15.26 15.87 -11.04
N GLU B 130 14.07 16.06 -10.48
CA GLU B 130 13.41 17.36 -10.50
C GLU B 130 14.33 18.43 -9.89
N ALA B 131 14.99 18.07 -8.79
CA ALA B 131 15.90 18.98 -8.11
C ALA B 131 17.12 19.31 -8.95
N LEU B 132 17.68 18.29 -9.59
CA LEU B 132 18.90 18.46 -10.38
C LEU B 132 18.65 19.33 -11.60
N ARG B 133 17.45 19.28 -12.16
CA ARG B 133 17.09 20.06 -13.33
C ARG B 133 16.94 21.56 -13.06
N GLU B 134 16.80 21.94 -11.79
CA GLU B 134 16.73 23.36 -11.46
C GLU B 134 18.14 23.94 -11.66
N ASN B 135 19.17 23.13 -11.44
CA ASN B 135 20.56 23.52 -11.68
C ASN B 135 21.42 22.27 -11.91
N ASN B 136 21.75 21.98 -13.17
CA ASN B 136 22.44 20.71 -13.47
C ASN B 136 23.93 20.89 -13.68
N SER B 137 24.50 21.82 -12.92
CA SER B 137 25.95 21.97 -12.87
C SER B 137 26.63 20.71 -12.33
N ASP B 138 27.90 20.53 -12.71
CA ASP B 138 28.71 19.42 -12.20
C ASP B 138 28.75 19.38 -10.69
N GLU B 139 28.85 20.55 -10.05
CA GLU B 139 28.88 20.61 -8.59
C GLU B 139 27.57 20.09 -8.00
N MET B 140 26.44 20.48 -8.57
CA MET B 140 25.15 19.99 -8.06
C MET B 140 24.99 18.50 -8.35
N ALA B 141 25.47 18.07 -9.50
CA ALA B 141 25.33 16.67 -9.87
C ALA B 141 26.10 15.78 -8.89
N LYS B 142 27.25 16.28 -8.43
CA LYS B 142 28.04 15.52 -7.43
C LYS B 142 27.29 15.35 -6.11
N LYS B 143 26.66 16.43 -5.64
CA LYS B 143 25.86 16.34 -4.41
C LYS B 143 24.70 15.37 -4.58
N MET B 144 24.05 15.42 -5.72
CA MET B 144 22.90 14.56 -5.95
C MET B 144 23.33 13.09 -6.13
N LEU B 145 24.60 12.86 -6.50
CA LEU B 145 25.05 11.49 -6.66
C LEU B 145 25.01 10.74 -5.33
N GLU B 146 25.41 11.40 -4.24
CA GLU B 146 25.34 10.76 -2.92
C GLU B 146 23.90 10.42 -2.57
N LEU B 147 22.97 11.31 -2.92
CA LEU B 147 21.58 11.07 -2.63
C LEU B 147 21.03 9.93 -3.50
N ALA B 148 21.46 9.87 -4.76
CA ALA B 148 21.00 8.82 -5.66
C ALA B 148 21.46 7.44 -5.21
N LYS B 149 22.71 7.36 -4.77
CA LYS B 149 23.21 6.09 -4.24
C LYS B 149 22.47 5.65 -2.99
N ARG B 150 22.07 6.59 -2.14
CA ARG B 150 21.31 6.24 -0.95
C ARG B 150 19.88 5.80 -1.33
N VAL B 151 19.31 6.37 -2.38
CA VAL B 151 17.99 5.91 -2.85
C VAL B 151 18.08 4.48 -3.37
N LEU B 152 19.16 4.20 -4.10
CA LEU B 152 19.40 2.85 -4.59
C LEU B 152 19.49 1.87 -3.41
N ASP B 153 20.19 2.26 -2.36
CA ASP B 153 20.34 1.41 -1.18
C ASP B 153 18.99 1.23 -0.48
N ALA B 154 18.19 2.30 -0.44
CA ALA B 154 16.86 2.25 0.16
C ALA B 154 15.95 1.29 -0.62
N ALA B 155 16.10 1.28 -1.94
CA ALA B 155 15.34 0.38 -2.78
C ALA B 155 15.68 -1.07 -2.44
N LYS B 156 16.96 -1.35 -2.25
CA LYS B 156 17.39 -2.67 -1.87
C LYS B 156 16.90 -3.07 -0.47
N ASN B 157 16.68 -2.10 0.40
CA ASN B 157 16.22 -2.39 1.77
C ASN B 157 14.70 -2.28 1.94
N ASN B 158 13.99 -2.09 0.82
CA ASN B 158 12.55 -1.87 0.85
C ASN B 158 12.17 -0.76 1.83
N ASP B 159 12.93 0.33 1.83
CA ASP B 159 12.84 1.35 2.88
C ASP B 159 12.25 2.64 2.30
N ASP B 160 10.93 2.72 2.26
CA ASP B 160 10.28 3.85 1.64
C ASP B 160 10.43 5.10 2.50
N GLU B 161 10.51 4.91 3.81
CA GLU B 161 10.68 6.06 4.72
C GLU B 161 11.98 6.78 4.44
N THR B 162 13.06 6.03 4.30
CA THR B 162 14.35 6.66 4.03
C THR B 162 14.32 7.29 2.63
N ALA B 163 13.64 6.64 1.69
CA ALA B 163 13.52 7.20 0.36
C ALA B 163 12.89 8.59 0.41
N ARG B 164 11.82 8.74 1.17
CA ARG B 164 11.16 10.02 1.31
C ARG B 164 12.07 11.05 1.97
N GLU B 165 12.86 10.64 2.96
CA GLU B 165 13.80 11.54 3.60
C GLU B 165 14.86 12.06 2.63
N ILE B 166 15.34 11.16 1.76
CA ILE B 166 16.36 11.54 0.79
C ILE B 166 15.77 12.52 -0.24
N ALA B 167 14.53 12.28 -0.66
CA ALA B 167 13.88 13.17 -1.61
C ALA B 167 13.78 14.60 -1.04
N ARG B 168 13.42 14.69 0.24
CA ARG B 168 13.36 15.98 0.95
C ARG B 168 14.72 16.65 1.00
N GLN B 169 15.76 15.84 1.24
CA GLN B 169 17.12 16.39 1.29
C GLN B 169 17.51 16.99 -0.06
N ALA B 170 17.07 16.37 -1.15
CA ALA B 170 17.34 16.91 -2.50
C ALA B 170 16.67 18.26 -2.70
N ALA B 171 15.42 18.38 -2.27
CA ALA B 171 14.72 19.66 -2.39
C ALA B 171 15.38 20.74 -1.55
N GLU B 172 15.90 20.36 -0.39
CA GLU B 172 16.56 21.31 0.50
C GLU B 172 17.95 21.69 -0.02
N GLU B 173 18.60 20.79 -0.75
CA GLU B 173 19.88 21.16 -1.39
C GLU B 173 19.71 22.25 -2.45
N VAL B 174 18.64 22.14 -3.23
CA VAL B 174 18.31 23.15 -4.23
C VAL B 174 17.95 24.47 -3.55
N GLU B 175 17.13 24.38 -2.52
CA GLU B 175 16.71 25.55 -1.76
C GLU B 175 17.93 26.30 -1.22
N ALA B 176 18.88 25.54 -0.68
CA ALA B 176 20.12 26.10 -0.17
C ALA B 176 20.91 26.76 -1.30
N ASP B 177 20.89 26.13 -2.47
CA ASP B 177 21.60 26.62 -3.65
C ASP B 177 21.02 27.97 -4.08
N ARG B 178 19.70 28.11 -3.93
CA ARG B 178 19.01 29.34 -4.29
C ARG B 178 19.34 30.47 -3.33
N GLU B 179 19.71 30.09 -2.11
CA GLU B 179 19.93 31.04 -1.03
C GLU B 179 21.41 31.40 -0.86
N ASN B 180 22.19 31.21 -1.92
CA ASN B 180 23.57 31.66 -1.94
C ASN B 180 23.67 33.18 -1.81
N ASP C 3 -37.39 1.59 -5.53
CA ASP C 3 -37.06 2.42 -6.68
C ASP C 3 -35.68 3.04 -6.52
N GLU C 4 -35.31 3.34 -5.28
CA GLU C 4 -33.95 3.78 -4.97
C GLU C 4 -33.01 2.61 -5.16
N MET C 5 -33.52 1.42 -4.84
CA MET C 5 -32.77 0.18 -5.00
C MET C 5 -32.53 -0.12 -6.47
N LYS C 6 -33.60 -0.03 -7.26
CA LYS C 6 -33.57 -0.33 -8.69
C LYS C 6 -32.66 0.60 -9.48
N LYS C 7 -32.61 1.87 -9.08
CA LYS C 7 -31.80 2.88 -9.76
C LYS C 7 -30.32 2.53 -9.74
N VAL C 8 -29.85 2.06 -8.59
CA VAL C 8 -28.46 1.64 -8.43
C VAL C 8 -28.14 0.48 -9.35
N MET C 9 -29.12 -0.40 -9.54
CA MET C 9 -28.98 -1.59 -10.36
C MET C 9 -28.76 -1.24 -11.83
N GLU C 10 -29.40 -0.16 -12.27
CA GLU C 10 -29.22 0.30 -13.63
C GLU C 10 -27.78 0.75 -13.86
N ALA C 11 -27.18 1.37 -12.86
CA ALA C 11 -25.79 1.78 -12.97
C ALA C 11 -24.92 0.54 -12.89
N LEU C 12 -25.31 -0.39 -12.01
CA LEU C 12 -24.60 -1.64 -11.79
C LEU C 12 -24.53 -2.47 -13.07
N LYS C 13 -25.63 -2.58 -13.79
CA LYS C 13 -25.64 -3.31 -15.05
C LYS C 13 -24.69 -2.60 -16.02
N LYS C 14 -24.67 -1.27 -15.97
CA LYS C 14 -23.76 -0.46 -16.76
C LYS C 14 -22.32 -0.58 -16.27
N ALA C 15 -22.17 -0.71 -14.95
CA ALA C 15 -20.87 -0.85 -14.32
C ALA C 15 -20.17 -2.11 -14.81
N VAL C 16 -20.94 -3.14 -15.11
CA VAL C 16 -20.40 -4.34 -15.73
C VAL C 16 -19.94 -3.99 -17.14
N GLU C 17 -20.78 -3.26 -17.86
CA GLU C 17 -20.44 -2.83 -19.22
C GLU C 17 -19.20 -1.95 -19.15
N LEU C 18 -19.13 -1.16 -18.09
CA LEU C 18 -17.98 -0.32 -17.82
C LEU C 18 -16.73 -1.17 -17.62
N ALA C 19 -16.89 -2.24 -16.83
CA ALA C 19 -15.83 -3.20 -16.58
C ALA C 19 -15.35 -3.92 -17.84
N LYS C 20 -16.30 -4.35 -18.66
CA LYS C 20 -15.99 -5.10 -19.88
C LYS C 20 -15.04 -4.30 -20.78
N LYS C 21 -15.25 -2.99 -20.83
CA LYS C 21 -14.40 -2.11 -21.65
C LYS C 21 -12.94 -2.21 -21.21
N ASP C 24 -7.46 -6.47 -18.30
CA ASP C 24 -7.99 -6.58 -16.95
C ASP C 24 -9.26 -7.44 -16.96
N ASP C 25 -9.22 -8.52 -17.72
CA ASP C 25 -10.41 -9.35 -17.94
C ASP C 25 -10.84 -10.08 -16.67
N GLU C 26 -9.87 -10.50 -15.86
CA GLU C 26 -10.19 -11.25 -14.64
C GLU C 26 -10.91 -10.37 -13.64
N VAL C 27 -10.62 -9.08 -13.64
CA VAL C 27 -11.35 -8.12 -12.81
C VAL C 27 -12.80 -8.02 -13.26
N ALA C 28 -12.99 -7.85 -14.55
CA ALA C 28 -14.31 -7.68 -15.11
C ALA C 28 -15.16 -8.92 -14.84
N ARG C 29 -14.54 -10.09 -14.94
CA ARG C 29 -15.23 -11.35 -14.68
C ARG C 29 -15.69 -11.42 -13.22
N GLU C 30 -14.86 -10.96 -12.30
CA GLU C 30 -15.21 -10.98 -10.88
C GLU C 30 -16.30 -9.96 -10.56
N ILE C 31 -16.23 -8.80 -11.21
CA ILE C 31 -17.29 -7.82 -11.09
C ILE C 31 -18.58 -8.35 -11.70
N GLU C 32 -18.47 -9.02 -12.86
CA GLU C 32 -19.64 -9.63 -13.50
C GLU C 32 -20.26 -10.75 -12.66
N ARG C 33 -19.41 -11.58 -12.06
CA ARG C 33 -19.88 -12.62 -11.15
C ARG C 33 -20.65 -12.05 -9.96
N ALA C 34 -20.11 -10.99 -9.36
CA ALA C 34 -20.76 -10.35 -8.23
C ALA C 34 -22.11 -9.78 -8.62
N ALA C 35 -22.15 -9.06 -9.73
CA ALA C 35 -23.40 -8.48 -10.23
C ALA C 35 -24.45 -9.56 -10.48
N LYS C 36 -24.06 -10.69 -11.07
CA LYS C 36 -25.00 -11.75 -11.41
C LYS C 36 -25.55 -12.46 -10.17
N GLU C 37 -24.71 -12.67 -9.19
CA GLU C 37 -25.15 -13.22 -7.92
C GLU C 37 -26.16 -12.30 -7.26
N ILE C 38 -25.88 -11.00 -7.24
CA ILE C 38 -26.79 -10.05 -6.60
C ILE C 38 -28.15 -10.10 -7.32
N VAL C 39 -28.13 -10.04 -8.65
CA VAL C 39 -29.36 -10.02 -9.43
C VAL C 39 -30.15 -11.30 -9.21
N GLU C 40 -29.47 -12.44 -9.20
CA GLU C 40 -30.16 -13.72 -9.03
C GLU C 40 -30.77 -13.85 -7.65
N ALA C 41 -30.04 -13.39 -6.64
CA ALA C 41 -30.56 -13.39 -5.28
C ALA C 41 -31.85 -12.58 -5.20
N LEU C 42 -31.87 -11.42 -5.86
CA LEU C 42 -33.05 -10.56 -5.80
C LEU C 42 -34.21 -11.14 -6.62
N ARG C 43 -33.88 -11.88 -7.68
CA ARG C 43 -34.90 -12.49 -8.53
C ARG C 43 -35.65 -13.59 -7.78
N GLU C 44 -34.92 -14.35 -6.97
CA GLU C 44 -35.49 -15.54 -6.33
C GLU C 44 -35.95 -15.24 -4.92
N ASN C 45 -35.45 -14.14 -4.37
CA ASN C 45 -35.67 -13.85 -2.97
C ASN C 45 -36.01 -12.38 -2.83
N ASN C 46 -37.27 -12.14 -2.51
CA ASN C 46 -37.84 -10.81 -2.38
C ASN C 46 -37.87 -10.34 -0.94
N SER C 47 -37.06 -10.96 -0.09
CA SER C 47 -37.03 -10.58 1.31
C SER C 47 -36.55 -9.13 1.40
N ASP C 48 -37.13 -8.35 2.31
CA ASP C 48 -36.75 -6.94 2.43
C ASP C 48 -35.34 -6.76 2.98
N GLU C 49 -34.98 -7.57 3.97
CA GLU C 49 -33.63 -7.55 4.52
C GLU C 49 -32.61 -7.95 3.47
N MET C 50 -32.99 -8.91 2.63
CA MET C 50 -32.14 -9.32 1.52
C MET C 50 -31.82 -8.10 0.67
N ALA C 51 -32.85 -7.33 0.37
CA ALA C 51 -32.70 -6.15 -0.49
C ALA C 51 -31.72 -5.14 0.10
N LYS C 52 -31.73 -5.00 1.42
CA LYS C 52 -30.88 -4.01 2.08
C LYS C 52 -29.39 -4.40 1.97
N VAL C 53 -29.10 -5.68 2.17
CA VAL C 53 -27.73 -6.16 2.02
C VAL C 53 -27.24 -5.97 0.59
N MET C 54 -28.08 -6.30 -0.38
CA MET C 54 -27.73 -6.25 -1.79
C MET C 54 -27.42 -4.83 -2.26
N LEU C 55 -28.14 -3.87 -1.70
CA LEU C 55 -27.90 -2.47 -2.03
C LEU C 55 -26.51 -2.01 -1.57
N ALA C 56 -26.10 -2.42 -0.38
CA ALA C 56 -24.78 -2.08 0.12
C ALA C 56 -23.73 -2.67 -0.80
N LEU C 57 -23.93 -3.95 -1.16
CA LEU C 57 -23.02 -4.68 -2.02
C LEU C 57 -22.96 -4.13 -3.45
N ALA C 58 -24.11 -3.80 -4.03
CA ALA C 58 -24.14 -3.22 -5.37
C ALA C 58 -23.35 -1.91 -5.41
N LYS C 59 -23.53 -1.10 -4.39
CA LYS C 59 -22.78 0.15 -4.29
C LYS C 59 -21.28 -0.10 -4.18
N ALA C 60 -20.91 -1.16 -3.48
CA ALA C 60 -19.49 -1.45 -3.26
C ALA C 60 -18.85 -1.89 -4.58
N VAL C 61 -19.59 -2.70 -5.35
CA VAL C 61 -19.14 -3.24 -6.63
C VAL C 61 -18.94 -2.12 -7.67
N LEU C 62 -19.84 -1.14 -7.66
CA LEU C 62 -19.71 0.01 -8.55
C LEU C 62 -18.40 0.75 -8.25
N LEU C 63 -18.10 0.91 -6.96
CA LEU C 63 -16.88 1.58 -6.54
C LEU C 63 -15.65 0.74 -6.88
N ALA C 64 -15.79 -0.58 -6.81
CA ALA C 64 -14.69 -1.47 -7.14
C ALA C 64 -14.31 -1.31 -8.60
N ALA C 65 -15.31 -1.10 -9.44
CA ALA C 65 -15.14 -0.93 -10.88
C ALA C 65 -14.33 0.33 -11.19
N LYS C 66 -14.41 1.31 -10.30
CA LYS C 66 -13.71 2.61 -10.45
C LYS C 66 -12.27 2.63 -9.92
N ASN C 67 -11.86 1.58 -9.23
CA ASN C 67 -10.58 1.58 -8.50
C ASN C 67 -9.43 1.15 -9.42
N ASN C 68 -8.36 1.95 -9.49
N ASN C 68 -8.35 1.95 -9.40
CA ASN C 68 -7.34 1.71 -10.52
CA ASN C 68 -7.20 1.74 -10.27
C ASN C 68 -6.24 0.82 -9.94
C ASN C 68 -6.26 0.61 -9.87
N ASP C 69 -6.64 -0.02 -8.99
N ASP C 69 -6.49 0.01 -8.70
CA ASP C 69 -5.80 -1.06 -8.42
CA ASP C 69 -5.75 -1.18 -8.32
C ASP C 69 -6.56 -2.39 -8.52
C ASP C 69 -6.62 -2.40 -8.56
N ASP C 70 -6.20 -3.22 -9.51
CA ASP C 70 -6.90 -4.46 -9.81
C ASP C 70 -7.08 -5.38 -8.60
N GLU C 71 -6.08 -5.45 -7.74
CA GLU C 71 -6.13 -6.40 -6.63
C GLU C 71 -7.17 -5.98 -5.60
N VAL C 72 -7.37 -4.67 -5.45
CA VAL C 72 -8.40 -4.16 -4.55
C VAL C 72 -9.78 -4.36 -5.17
N ALA C 73 -9.90 -4.07 -6.46
CA ALA C 73 -11.18 -4.23 -7.13
C ALA C 73 -11.68 -5.67 -7.04
N ARG C 74 -10.76 -6.60 -7.27
CA ARG C 74 -11.07 -8.02 -7.23
C ARG C 74 -11.48 -8.47 -5.84
N GLU C 75 -10.79 -7.96 -4.83
CA GLU C 75 -11.06 -8.37 -3.47
C GLU C 75 -12.44 -7.89 -3.03
N ILE C 76 -12.80 -6.68 -3.42
CA ILE C 76 -14.11 -6.13 -3.07
C ILE C 76 -15.22 -6.92 -3.77
N ALA C 77 -15.05 -7.16 -5.06
CA ALA C 77 -16.05 -7.90 -5.83
C ALA C 77 -16.20 -9.34 -5.32
N ARG C 78 -15.08 -9.95 -4.97
CA ARG C 78 -15.10 -11.32 -4.44
C ARG C 78 -15.83 -11.37 -3.09
N ALA C 79 -15.55 -10.41 -2.22
CA ALA C 79 -16.20 -10.36 -0.92
C ALA C 79 -17.70 -10.24 -1.12
N ALA C 80 -18.11 -9.39 -2.04
CA ALA C 80 -19.53 -9.20 -2.31
C ALA C 80 -20.15 -10.52 -2.78
N ALA C 81 -19.51 -11.17 -3.74
CA ALA C 81 -20.02 -12.40 -4.32
C ALA C 81 -20.17 -13.49 -3.25
N GLU C 82 -19.20 -13.56 -2.35
CA GLU C 82 -19.19 -14.61 -1.35
C GLU C 82 -20.26 -14.37 -0.28
N ILE C 83 -20.50 -13.09 0.04
CA ILE C 83 -21.59 -12.74 0.95
C ILE C 83 -22.92 -13.17 0.34
N VAL C 84 -23.11 -12.90 -0.95
CA VAL C 84 -24.37 -13.30 -1.60
C VAL C 84 -24.50 -14.81 -1.61
N GLU C 85 -23.42 -15.51 -1.91
CA GLU C 85 -23.46 -16.97 -1.91
C GLU C 85 -23.90 -17.53 -0.56
N ALA C 86 -23.36 -16.96 0.52
CA ALA C 86 -23.68 -17.45 1.85
C ALA C 86 -25.16 -17.24 2.17
N LEU C 87 -25.69 -16.09 1.75
CA LEU C 87 -27.08 -15.75 2.00
C LEU C 87 -27.99 -16.62 1.14
N ARG C 88 -27.52 -16.97 -0.05
CA ARG C 88 -28.31 -17.84 -0.89
C ARG C 88 -28.31 -19.25 -0.31
N GLU C 89 -27.35 -19.60 0.53
CA GLU C 89 -27.46 -20.88 1.25
C GLU C 89 -28.43 -20.76 2.43
N ASN C 90 -28.38 -19.66 3.16
CA ASN C 90 -29.21 -19.51 4.36
C ASN C 90 -29.40 -18.05 4.63
N ASN C 91 -30.65 -17.57 4.53
CA ASN C 91 -30.97 -16.17 4.82
C ASN C 91 -31.92 -16.04 6.00
N SER C 92 -31.65 -16.83 7.04
CA SER C 92 -32.28 -16.65 8.34
C SER C 92 -32.02 -15.24 8.83
N ASP C 93 -32.79 -14.80 9.81
CA ASP C 93 -32.64 -13.45 10.32
C ASP C 93 -31.25 -13.24 10.94
N GLU C 94 -30.71 -14.27 11.58
CA GLU C 94 -29.36 -14.18 12.14
C GLU C 94 -28.28 -14.09 11.05
N MET C 95 -28.42 -14.89 10.00
CA MET C 95 -27.48 -14.80 8.88
C MET C 95 -27.59 -13.41 8.26
N ALA C 96 -28.80 -12.91 8.11
CA ALA C 96 -29.01 -11.60 7.49
C ALA C 96 -28.34 -10.48 8.30
N LYS C 97 -28.36 -10.62 9.63
CA LYS C 97 -27.67 -9.65 10.49
C LYS C 97 -26.17 -9.65 10.30
N VAL C 98 -25.56 -10.84 10.24
CA VAL C 98 -24.11 -10.91 10.01
C VAL C 98 -23.77 -10.30 8.66
N MET C 99 -24.54 -10.66 7.64
CA MET C 99 -24.19 -10.25 6.29
C MET C 99 -24.42 -8.75 6.05
N LEU C 100 -25.38 -8.14 6.72
CA LEU C 100 -25.55 -6.69 6.57
C LEU C 100 -24.34 -5.96 7.15
N ALA C 101 -23.86 -6.44 8.30
CA ALA C 101 -22.69 -5.81 8.91
C ALA C 101 -21.48 -5.94 8.02
N LEU C 102 -21.30 -7.13 7.43
CA LEU C 102 -20.14 -7.37 6.57
C LEU C 102 -20.27 -6.58 5.27
N ALA C 103 -21.48 -6.50 4.73
CA ALA C 103 -21.69 -5.74 3.51
C ALA C 103 -21.36 -4.27 3.74
N LYS C 104 -21.74 -3.76 4.90
CA LYS C 104 -21.41 -2.39 5.24
C LYS C 104 -19.88 -2.19 5.35
N ALA C 105 -19.19 -3.19 5.87
CA ALA C 105 -17.73 -3.10 6.01
C ALA C 105 -17.08 -3.12 4.63
N VAL C 106 -17.61 -3.96 3.74
CA VAL C 106 -17.08 -4.02 2.38
C VAL C 106 -17.34 -2.69 1.63
N LEU C 107 -18.48 -2.06 1.89
CA LEU C 107 -18.73 -0.75 1.29
C LEU C 107 -17.75 0.27 1.84
N LEU C 108 -17.47 0.25 3.14
CA LEU C 108 -16.48 1.19 3.67
C LEU C 108 -15.10 0.92 3.07
N ALA C 109 -14.75 -0.35 2.93
CA ALA C 109 -13.48 -0.71 2.31
C ALA C 109 -13.38 -0.17 0.90
N ALA C 110 -14.47 -0.28 0.15
CA ALA C 110 -14.50 0.18 -1.23
C ALA C 110 -14.30 1.68 -1.32
N LYS C 111 -14.67 2.41 -0.27
CA LYS C 111 -14.51 3.87 -0.23
C LYS C 111 -13.09 4.30 0.19
N ASN C 112 -12.34 3.38 0.78
CA ASN C 112 -11.04 3.72 1.34
C ASN C 112 -9.97 3.88 0.24
N ASN C 113 -9.30 5.04 0.23
CA ASN C 113 -8.27 5.31 -0.74
C ASN C 113 -6.91 4.72 -0.41
N ASP C 114 -6.79 4.11 0.75
CA ASP C 114 -5.54 3.46 1.13
C ASP C 114 -5.75 2.03 0.68
N ASP C 115 -5.05 1.62 -0.37
CA ASP C 115 -5.31 0.34 -1.01
C ASP C 115 -5.05 -0.81 -0.04
N GLU C 116 -4.09 -0.65 0.86
CA GLU C 116 -3.75 -1.71 1.82
C GLU C 116 -4.88 -1.93 2.82
N VAL C 117 -5.46 -0.85 3.32
CA VAL C 117 -6.59 -0.99 4.23
C VAL C 117 -7.80 -1.56 3.48
N ALA C 118 -8.07 -1.05 2.29
CA ALA C 118 -9.25 -1.50 1.57
C ALA C 118 -9.21 -3.01 1.32
N ARG C 119 -8.07 -3.52 0.88
N ARG C 119 -8.08 -3.52 0.85
CA ARG C 119 -7.97 -4.95 0.59
CA ARG C 119 -8.00 -4.92 0.49
C ARG C 119 -8.10 -5.78 1.87
C ARG C 119 -8.02 -5.83 1.71
N GLU C 120 -7.50 -5.33 2.96
N GLU C 120 -7.59 -5.31 2.86
CA GLU C 120 -7.49 -6.15 4.16
CA GLU C 120 -7.50 -6.12 4.06
C GLU C 120 -8.86 -6.24 4.79
C GLU C 120 -8.83 -6.21 4.80
N ILE C 121 -9.62 -5.14 4.72
CA ILE C 121 -10.98 -5.18 5.27
C ILE C 121 -11.87 -6.08 4.46
N ALA C 122 -11.80 -5.96 3.14
CA ALA C 122 -12.59 -6.80 2.25
C ALA C 122 -12.23 -8.26 2.49
N ARG C 123 -10.94 -8.54 2.64
CA ARG C 123 -10.56 -9.92 2.85
C ARG C 123 -11.03 -10.42 4.21
N ALA C 124 -10.96 -9.56 5.23
CA ALA C 124 -11.36 -10.00 6.57
C ALA C 124 -12.85 -10.36 6.58
N ALA C 125 -13.64 -9.53 5.91
CA ALA C 125 -15.06 -9.82 5.72
C ALA C 125 -15.30 -11.17 5.05
N ALA C 126 -14.59 -11.42 3.95
CA ALA C 126 -14.70 -12.68 3.23
C ALA C 126 -14.32 -13.87 4.08
N GLU C 127 -13.36 -13.68 4.97
CA GLU C 127 -12.92 -14.76 5.85
C GLU C 127 -14.00 -15.09 6.88
N ILE C 128 -14.72 -14.09 7.35
CA ILE C 128 -15.81 -14.38 8.30
C ILE C 128 -16.90 -15.14 7.55
N VAL C 129 -17.18 -14.75 6.32
CA VAL C 129 -18.16 -15.45 5.49
C VAL C 129 -17.74 -16.90 5.28
N GLU C 130 -16.47 -17.10 4.96
CA GLU C 130 -15.93 -18.43 4.72
C GLU C 130 -16.13 -19.34 5.92
N ALA C 131 -15.90 -18.78 7.11
CA ALA C 131 -16.06 -19.50 8.36
C ALA C 131 -17.52 -19.84 8.60
N LEU C 132 -18.42 -18.90 8.31
CA LEU C 132 -19.84 -19.15 8.51
C LEU C 132 -20.37 -20.23 7.61
N ARG C 133 -19.82 -20.30 6.41
CA ARG C 133 -20.31 -21.28 5.45
C ARG C 133 -19.98 -22.71 5.84
N GLU C 134 -19.00 -22.90 6.73
N GLU C 134 -19.03 -22.86 6.76
CA GLU C 134 -18.71 -24.25 7.20
CA GLU C 134 -18.67 -24.16 7.31
C GLU C 134 -19.83 -24.70 8.17
C GLU C 134 -19.82 -24.69 8.16
N ASN C 135 -20.44 -23.77 8.89
CA ASN C 135 -21.56 -24.09 9.76
C ASN C 135 -22.40 -22.85 9.97
N ASN C 136 -23.54 -22.74 9.30
CA ASN C 136 -24.32 -21.50 9.36
C ASN C 136 -25.54 -21.64 10.27
N SER C 137 -25.39 -22.44 11.32
CA SER C 137 -26.37 -22.51 12.39
C SER C 137 -26.56 -21.16 13.07
N ASP C 138 -27.73 -21.00 13.70
CA ASP C 138 -28.04 -19.81 14.47
C ASP C 138 -26.92 -19.52 15.46
N GLU C 139 -26.44 -20.57 16.11
CA GLU C 139 -25.38 -20.45 17.13
C GLU C 139 -24.09 -19.87 16.55
N MET C 140 -23.69 -20.36 15.40
CA MET C 140 -22.48 -19.83 14.77
C MET C 140 -22.69 -18.41 14.24
N ALA C 141 -23.87 -18.16 13.68
CA ALA C 141 -24.16 -16.83 13.13
C ALA C 141 -24.12 -15.77 14.22
N LYS C 142 -24.54 -16.13 15.42
CA LYS C 142 -24.51 -15.20 16.55
C LYS C 142 -23.08 -14.84 16.91
N LYS C 143 -22.21 -15.84 16.95
CA LYS C 143 -20.80 -15.61 17.24
C LYS C 143 -20.15 -14.74 16.18
N MET C 144 -20.45 -15.03 14.92
CA MET C 144 -19.82 -14.32 13.82
C MET C 144 -20.34 -12.90 13.73
N LEU C 145 -21.53 -12.65 14.29
CA LEU C 145 -22.08 -11.30 14.28
C LEU C 145 -21.19 -10.37 15.09
N GLU C 146 -20.73 -10.84 16.24
CA GLU C 146 -19.85 -10.04 17.08
C GLU C 146 -18.55 -9.76 16.35
N LEU C 147 -18.04 -10.72 15.60
CA LEU C 147 -16.81 -10.50 14.83
C LEU C 147 -17.05 -9.53 13.67
N ALA C 148 -18.22 -9.65 13.04
CA ALA C 148 -18.53 -8.76 11.91
C ALA C 148 -18.64 -7.31 12.34
N LYS C 149 -19.26 -7.11 13.50
CA LYS C 149 -19.36 -5.78 14.05
C LYS C 149 -17.99 -5.20 14.38
N ARG C 150 -17.07 -6.04 14.84
CA ARG C 150 -15.73 -5.57 15.11
C ARG C 150 -14.96 -5.26 13.82
N VAL C 151 -15.21 -6.02 12.75
CA VAL C 151 -14.62 -5.71 11.45
C VAL C 151 -15.12 -4.37 10.93
N LEU C 152 -16.41 -4.10 11.10
CA LEU C 152 -17.00 -2.84 10.70
C LEU C 152 -16.32 -1.68 11.46
N ASP C 153 -16.11 -1.88 12.75
CA ASP C 153 -15.41 -0.88 13.54
C ASP C 153 -13.97 -0.70 13.09
N ALA C 154 -13.31 -1.81 12.74
CA ALA C 154 -11.91 -1.76 12.28
C ALA C 154 -11.83 -0.94 10.98
N ALA C 155 -12.81 -1.14 10.12
CA ALA C 155 -12.89 -0.41 8.87
C ALA C 155 -13.04 1.09 9.11
N LYS C 156 -13.84 1.46 10.09
CA LYS C 156 -14.01 2.86 10.43
C LYS C 156 -12.72 3.46 10.98
N ASN C 157 -11.87 2.64 11.61
CA ASN C 157 -10.60 3.09 12.17
C ASN C 157 -9.42 2.89 11.27
N ASN C 158 -9.64 2.46 10.02
CA ASN C 158 -8.54 2.12 9.11
C ASN C 158 -7.55 1.16 9.75
N ASP C 159 -8.04 0.14 10.44
CA ASP C 159 -7.19 -0.69 11.28
C ASP C 159 -7.11 -2.08 10.67
N ASP C 160 -6.17 -2.25 9.75
CA ASP C 160 -6.08 -3.52 9.04
C ASP C 160 -5.50 -4.59 9.97
N GLU C 161 -4.68 -4.19 10.95
CA GLU C 161 -4.10 -5.15 11.88
C GLU C 161 -5.20 -5.83 12.68
N THR C 162 -6.12 -5.05 13.21
CA THR C 162 -7.22 -5.63 13.99
C THR C 162 -8.14 -6.47 13.06
N ALA C 163 -8.32 -6.02 11.82
CA ALA C 163 -9.12 -6.79 10.87
C ALA C 163 -8.56 -8.21 10.69
N ARG C 164 -7.25 -8.30 10.51
CA ARG C 164 -6.59 -9.59 10.35
C ARG C 164 -6.72 -10.43 11.62
N GLU C 165 -6.62 -9.81 12.78
CA GLU C 165 -6.80 -10.54 14.03
C GLU C 165 -8.21 -11.12 14.11
N ILE C 166 -9.20 -10.33 13.69
CA ILE C 166 -10.58 -10.81 13.75
C ILE C 166 -10.82 -11.98 12.78
N ALA C 167 -10.23 -11.92 11.60
CA ALA C 167 -10.36 -13.01 10.62
C ALA C 167 -9.75 -14.30 11.16
N ARG C 168 -8.60 -14.19 11.82
CA ARG C 168 -8.00 -15.36 12.46
C ARG C 168 -8.94 -15.93 13.50
N GLN C 169 -9.55 -15.05 14.30
N GLN C 169 -9.54 -15.06 14.30
CA GLN C 169 -10.46 -15.49 15.34
CA GLN C 169 -10.46 -15.50 15.35
C GLN C 169 -11.67 -16.22 14.76
C GLN C 169 -11.65 -16.25 14.74
N ALA C 170 -12.12 -15.79 13.59
CA ALA C 170 -13.23 -16.49 12.92
C ALA C 170 -12.81 -17.93 12.58
N ALA C 171 -11.59 -18.05 12.05
CA ALA C 171 -11.06 -19.33 11.66
C ALA C 171 -10.85 -20.25 12.85
N GLU C 172 -10.42 -19.68 13.97
CA GLU C 172 -10.20 -20.52 15.14
C GLU C 172 -11.54 -20.92 15.78
N GLU C 173 -12.59 -20.10 15.62
CA GLU C 173 -13.91 -20.51 16.11
C GLU C 173 -14.45 -21.73 15.35
N VAL C 174 -14.26 -21.75 14.04
CA VAL C 174 -14.65 -22.91 13.25
C VAL C 174 -13.85 -24.14 13.63
N GLU C 175 -12.55 -23.94 13.80
CA GLU C 175 -11.66 -25.01 14.20
C GLU C 175 -12.14 -25.61 15.51
N ALA C 176 -12.50 -24.76 16.45
CA ALA C 176 -13.01 -25.23 17.73
C ALA C 176 -14.31 -26.01 17.54
N ASP C 177 -15.16 -25.52 16.65
CA ASP C 177 -16.45 -26.14 16.41
C ASP C 177 -16.31 -27.53 15.78
N ARG C 178 -15.38 -27.68 14.86
CA ARG C 178 -15.20 -28.98 14.19
C ARG C 178 -14.51 -29.97 15.12
N GLU C 179 -13.75 -29.46 16.09
CA GLU C 179 -13.00 -30.30 17.02
C GLU C 179 -13.78 -30.51 18.32
N MET D 1 15.12 -34.71 19.32
CA MET D 1 15.48 -33.44 18.64
C MET D 1 16.96 -33.43 18.26
N SER D 2 17.25 -33.25 16.98
CA SER D 2 18.63 -33.20 16.52
C SER D 2 19.32 -31.94 17.03
N ASP D 3 20.64 -31.91 16.92
CA ASP D 3 21.41 -30.77 17.40
C ASP D 3 21.25 -29.55 16.49
N GLU D 4 21.02 -29.77 15.20
CA GLU D 4 20.73 -28.66 14.31
C GLU D 4 19.37 -28.04 14.68
N MET D 5 18.41 -28.88 15.06
CA MET D 5 17.11 -28.36 15.49
C MET D 5 17.33 -27.60 16.79
N LYS D 6 18.16 -28.15 17.67
CA LYS D 6 18.40 -27.55 18.97
C LYS D 6 18.97 -26.15 18.79
N LYS D 7 19.84 -25.97 17.81
CA LYS D 7 20.40 -24.65 17.51
C LYS D 7 19.34 -23.66 16.98
N VAL D 8 18.48 -24.13 16.07
CA VAL D 8 17.43 -23.27 15.55
C VAL D 8 16.45 -22.84 16.65
N MET D 9 16.14 -23.75 17.58
CA MET D 9 15.24 -23.44 18.70
C MET D 9 15.85 -22.40 19.64
N GLU D 10 17.16 -22.48 19.84
CA GLU D 10 17.85 -21.48 20.64
C GLU D 10 17.79 -20.11 19.96
N ALA D 11 17.85 -20.10 18.64
CA ALA D 11 17.75 -18.86 17.89
C ALA D 11 16.32 -18.32 17.94
N LEU D 12 15.34 -19.21 17.92
CA LEU D 12 13.95 -18.81 18.05
C LEU D 12 13.73 -18.14 19.40
N LYS D 13 14.35 -18.67 20.46
CA LYS D 13 14.24 -18.04 21.77
C LYS D 13 14.81 -16.63 21.76
N LYS D 14 15.92 -16.45 21.06
CA LYS D 14 16.57 -15.15 20.96
C LYS D 14 15.69 -14.20 20.16
N ALA D 15 15.02 -14.72 19.14
CA ALA D 15 14.12 -13.90 18.34
C ALA D 15 12.91 -13.41 19.12
N VAL D 16 12.41 -14.26 20.01
CA VAL D 16 11.29 -13.89 20.88
C VAL D 16 11.74 -12.77 21.82
N GLU D 17 12.91 -12.94 22.40
CA GLU D 17 13.42 -11.94 23.33
C GLU D 17 13.64 -10.60 22.61
N LEU D 18 14.17 -10.65 21.38
CA LEU D 18 14.41 -9.45 20.57
C LEU D 18 13.12 -8.73 20.21
N ALA D 19 12.09 -9.48 19.85
CA ALA D 19 10.79 -8.88 19.59
C ALA D 19 10.26 -8.18 20.83
N LYS D 20 10.36 -8.83 22.00
CA LYS D 20 9.91 -8.20 23.23
C LYS D 20 10.70 -6.92 23.49
N LYS D 21 11.99 -6.97 23.24
CA LYS D 21 12.86 -5.82 23.47
C LYS D 21 12.38 -4.61 22.66
N ASN D 22 11.89 -4.89 21.46
CA ASN D 22 11.43 -3.85 20.55
C ASN D 22 9.92 -3.55 20.66
N ASN D 23 9.30 -4.03 21.75
CA ASN D 23 7.86 -3.84 22.04
C ASN D 23 6.96 -4.46 21.00
N ASP D 24 7.45 -5.51 20.33
CA ASP D 24 6.66 -6.25 19.36
C ASP D 24 6.09 -7.48 20.08
N ASP D 25 5.24 -7.23 21.07
CA ASP D 25 4.75 -8.29 21.96
C ASP D 25 3.87 -9.32 21.24
N GLU D 26 3.06 -8.88 20.29
CA GLU D 26 2.21 -9.81 19.55
C GLU D 26 3.01 -10.69 18.58
N VAL D 27 4.08 -10.14 18.02
CA VAL D 27 5.00 -10.89 17.19
C VAL D 27 5.66 -11.98 18.03
N ALA D 28 6.13 -11.56 19.20
CA ALA D 28 6.83 -12.46 20.09
C ALA D 28 5.93 -13.62 20.49
N ARG D 29 4.66 -13.30 20.74
CA ARG D 29 3.72 -14.33 21.16
C ARG D 29 3.47 -15.38 20.05
N GLU D 30 3.34 -14.92 18.81
CA GLU D 30 3.10 -15.83 17.69
C GLU D 30 4.33 -16.67 17.37
N ILE D 31 5.53 -16.10 17.51
CA ILE D 31 6.74 -16.90 17.33
C ILE D 31 6.80 -18.00 18.41
N GLU D 32 6.50 -17.62 19.65
CA GLU D 32 6.53 -18.59 20.75
C GLU D 32 5.48 -19.71 20.58
N ARG D 33 4.28 -19.37 20.12
CA ARG D 33 3.24 -20.36 19.82
C ARG D 33 3.70 -21.36 18.77
N ALA D 34 4.33 -20.89 17.69
CA ALA D 34 4.85 -21.80 16.68
C ALA D 34 5.93 -22.69 17.26
N ALA D 35 6.88 -22.10 17.98
CA ALA D 35 7.97 -22.87 18.60
C ALA D 35 7.42 -23.95 19.51
N LYS D 36 6.39 -23.61 20.28
N LYS D 36 6.40 -23.59 20.29
CA LYS D 36 5.85 -24.56 21.25
CA LYS D 36 5.79 -24.50 21.22
C LYS D 36 5.15 -25.72 20.54
C LYS D 36 5.24 -25.71 20.49
N GLU D 37 4.44 -25.44 19.45
CA GLU D 37 3.82 -26.50 18.64
C GLU D 37 4.86 -27.43 18.06
N ILE D 38 5.93 -26.85 17.55
CA ILE D 38 7.00 -27.65 16.97
C ILE D 38 7.59 -28.60 17.99
N VAL D 39 7.87 -28.09 19.18
CA VAL D 39 8.47 -28.92 20.21
C VAL D 39 7.54 -30.07 20.60
N GLU D 40 6.26 -29.78 20.74
CA GLU D 40 5.32 -30.83 21.12
C GLU D 40 5.21 -31.89 20.02
N ALA D 41 5.22 -31.46 18.77
CA ALA D 41 5.21 -32.37 17.63
C ALA D 41 6.42 -33.30 17.67
N LEU D 42 7.58 -32.75 17.99
CA LEU D 42 8.80 -33.56 18.00
C LEU D 42 8.80 -34.50 19.20
N ARG D 43 8.14 -34.09 20.27
CA ARG D 43 8.08 -34.95 21.45
C ARG D 43 7.30 -36.23 21.16
N GLU D 44 6.27 -36.14 20.34
CA GLU D 44 5.37 -37.26 20.15
C GLU D 44 5.64 -38.08 18.88
N ASN D 45 6.42 -37.51 17.96
CA ASN D 45 6.68 -38.13 16.65
C ASN D 45 8.16 -38.02 16.28
N ASN D 46 8.82 -39.18 16.25
CA ASN D 46 10.24 -39.26 15.95
C ASN D 46 10.56 -39.65 14.51
N SER D 47 9.58 -39.54 13.62
CA SER D 47 9.78 -39.87 12.19
C SER D 47 10.68 -38.84 11.52
N ASP D 48 11.43 -39.30 10.52
CA ASP D 48 12.33 -38.43 9.78
C ASP D 48 11.59 -37.36 9.00
N GLU D 49 10.44 -37.70 8.42
CA GLU D 49 9.65 -36.71 7.69
C GLU D 49 9.16 -35.60 8.60
N MET D 50 8.70 -35.95 9.81
CA MET D 50 8.29 -34.92 10.76
C MET D 50 9.46 -33.98 11.08
N ALA D 51 10.63 -34.52 11.36
CA ALA D 51 11.78 -33.68 11.70
C ALA D 51 12.12 -32.75 10.55
N LYS D 52 11.96 -33.25 9.32
CA LYS D 52 12.32 -32.46 8.15
C LYS D 52 11.37 -31.28 7.99
N VAL D 53 10.07 -31.51 8.11
CA VAL D 53 9.11 -30.40 8.04
C VAL D 53 9.33 -29.40 9.17
N MET D 54 9.52 -29.88 10.40
CA MET D 54 9.67 -28.99 11.54
C MET D 54 10.89 -28.10 11.40
N LEU D 55 11.97 -28.65 10.85
CA LEU D 55 13.18 -27.88 10.65
C LEU D 55 12.96 -26.77 9.65
N ALA D 56 12.28 -27.08 8.54
CA ALA D 56 12.02 -26.05 7.52
C ALA D 56 11.15 -24.93 8.12
N LEU D 57 10.13 -25.30 8.90
CA LEU D 57 9.24 -24.31 9.51
C LEU D 57 9.96 -23.42 10.53
N ALA D 58 10.81 -24.03 11.35
CA ALA D 58 11.59 -23.28 12.33
C ALA D 58 12.49 -22.26 11.68
N LYS D 59 13.21 -22.69 10.66
CA LYS D 59 14.05 -21.77 9.91
C LYS D 59 13.22 -20.70 9.24
N ALA D 60 12.01 -21.04 8.80
CA ALA D 60 11.18 -20.04 8.10
C ALA D 60 10.72 -18.95 9.06
N VAL D 61 10.34 -19.34 10.28
CA VAL D 61 9.87 -18.36 11.26
C VAL D 61 11.02 -17.45 11.65
N LEU D 62 12.19 -18.05 11.83
CA LEU D 62 13.38 -17.29 12.20
C LEU D 62 13.78 -16.27 11.12
N LEU D 63 13.77 -16.69 9.86
CA LEU D 63 14.12 -15.77 8.79
C LEU D 63 13.08 -14.68 8.61
N ALA D 64 11.81 -15.02 8.77
CA ALA D 64 10.76 -14.00 8.65
C ALA D 64 10.90 -12.94 9.74
N ALA D 65 11.27 -13.37 10.96
CA ALA D 65 11.43 -12.43 12.06
C ALA D 65 12.55 -11.47 11.74
N LYS D 66 13.53 -11.96 11.01
CA LYS D 66 14.69 -11.16 10.69
C LYS D 66 14.45 -10.33 9.43
N ASN D 67 13.75 -10.91 8.45
CA ASN D 67 13.66 -10.27 7.14
C ASN D 67 12.44 -9.42 6.87
N ASN D 68 11.32 -9.79 7.45
CA ASN D 68 10.04 -9.21 7.09
C ASN D 68 9.47 -8.17 8.08
N ASP D 69 8.59 -7.32 7.56
CA ASP D 69 7.77 -6.44 8.39
C ASP D 69 7.11 -7.24 9.52
N ASP D 70 6.92 -6.62 10.68
CA ASP D 70 6.33 -7.32 11.81
C ASP D 70 5.04 -8.06 11.47
N GLU D 71 4.18 -7.43 10.68
CA GLU D 71 2.86 -8.01 10.42
C GLU D 71 2.96 -9.20 9.46
N VAL D 72 3.96 -9.20 8.59
CA VAL D 72 4.22 -10.32 7.73
C VAL D 72 4.86 -11.47 8.52
N ALA D 73 5.75 -11.13 9.44
CA ALA D 73 6.38 -12.13 10.32
C ALA D 73 5.29 -12.88 11.07
N ARG D 74 4.27 -12.14 11.53
CA ARG D 74 3.15 -12.75 12.22
C ARG D 74 2.40 -13.74 11.31
N GLU D 75 2.23 -13.41 10.04
CA GLU D 75 1.51 -14.30 9.11
C GLU D 75 2.27 -15.60 8.91
N ILE D 76 3.59 -15.47 8.78
CA ILE D 76 4.45 -16.62 8.59
C ILE D 76 4.45 -17.49 9.85
N ALA D 77 4.55 -16.89 11.03
CA ALA D 77 4.53 -17.70 12.26
C ALA D 77 3.18 -18.42 12.43
N ARG D 78 2.09 -17.74 12.07
CA ARG D 78 0.79 -18.37 12.15
C ARG D 78 0.67 -19.52 11.16
N ALA D 79 1.11 -19.33 9.92
CA ALA D 79 1.05 -20.42 8.94
C ALA D 79 1.84 -21.62 9.45
N ALA D 80 3.03 -21.36 9.99
CA ALA D 80 3.87 -22.42 10.54
C ALA D 80 3.15 -23.18 11.64
N ALA D 81 2.56 -22.45 12.59
CA ALA D 81 1.86 -23.08 13.69
C ALA D 81 0.73 -23.96 13.17
N GLU D 82 0.01 -23.46 12.16
CA GLU D 82 -1.15 -24.18 11.65
C GLU D 82 -0.75 -25.42 10.86
N ILE D 83 0.38 -25.34 10.16
CA ILE D 83 0.91 -26.50 9.46
C ILE D 83 1.24 -27.59 10.48
N VAL D 84 1.89 -27.21 11.58
CA VAL D 84 2.22 -28.19 12.62
C VAL D 84 0.95 -28.77 13.24
N GLU D 85 -0.05 -27.95 13.54
CA GLU D 85 -1.31 -28.47 14.10
C GLU D 85 -1.91 -29.53 13.18
N ALA D 86 -1.86 -29.25 11.87
CA ALA D 86 -2.42 -30.17 10.88
C ALA D 86 -1.67 -31.50 10.85
N LEU D 87 -0.35 -31.42 10.96
CA LEU D 87 0.46 -32.64 10.94
C LEU D 87 0.26 -33.41 12.21
N ARG D 88 0.01 -32.71 13.29
CA ARG D 88 -0.25 -33.40 14.53
C ARG D 88 -1.63 -34.05 14.49
N GLU D 89 -2.55 -33.62 13.63
CA GLU D 89 -3.81 -34.36 13.47
C GLU D 89 -3.64 -35.61 12.60
N ASN D 90 -2.86 -35.48 11.54
CA ASN D 90 -2.68 -36.57 10.57
C ASN D 90 -1.33 -36.43 9.88
N ASN D 91 -0.39 -37.34 10.16
CA ASN D 91 0.91 -37.25 9.49
C ASN D 91 1.21 -38.46 8.61
N SER D 92 0.19 -38.92 7.88
CA SER D 92 0.38 -39.92 6.82
C SER D 92 1.32 -39.38 5.75
N ASP D 93 1.84 -40.25 4.89
CA ASP D 93 2.75 -39.82 3.84
C ASP D 93 2.08 -38.80 2.93
N GLU D 94 0.78 -38.93 2.71
CA GLU D 94 0.06 -37.99 1.88
C GLU D 94 0.03 -36.58 2.49
N MET D 95 -0.29 -36.51 3.79
CA MET D 95 -0.27 -35.23 4.49
C MET D 95 1.13 -34.66 4.61
N ALA D 96 2.08 -35.53 4.88
CA ALA D 96 3.45 -35.08 5.08
C ALA D 96 4.05 -34.44 3.83
N LYS D 97 3.75 -34.97 2.65
N LYS D 97 3.71 -34.94 2.64
CA LYS D 97 4.26 -34.34 1.42
CA LYS D 97 4.25 -34.36 1.41
C LYS D 97 3.67 -32.96 1.20
C LYS D 97 3.66 -33.00 1.09
N VAL D 98 2.38 -32.80 1.43
CA VAL D 98 1.75 -31.49 1.28
C VAL D 98 2.45 -30.51 2.20
N MET D 99 2.64 -30.91 3.45
CA MET D 99 3.19 -29.96 4.43
C MET D 99 4.66 -29.65 4.19
N LEU D 100 5.41 -30.61 3.68
CA LEU D 100 6.81 -30.34 3.33
C LEU D 100 6.92 -29.33 2.20
N ALA D 101 6.06 -29.44 1.19
CA ALA D 101 6.06 -28.47 0.10
C ALA D 101 5.71 -27.08 0.64
N LEU D 102 4.71 -27.01 1.53
CA LEU D 102 4.33 -25.71 2.06
C LEU D 102 5.43 -25.14 2.95
N ALA D 103 6.06 -26.01 3.75
CA ALA D 103 7.13 -25.57 4.63
C ALA D 103 8.32 -25.03 3.82
N LYS D 104 8.64 -25.73 2.74
CA LYS D 104 9.73 -25.26 1.86
C LYS D 104 9.35 -23.94 1.22
N ALA D 105 8.08 -23.78 0.88
CA ALA D 105 7.64 -22.53 0.23
C ALA D 105 7.68 -21.34 1.17
N VAL D 106 7.20 -21.49 2.41
CA VAL D 106 7.27 -20.37 3.34
C VAL D 106 8.73 -20.10 3.73
N LEU D 107 9.56 -21.12 3.74
CA LEU D 107 10.97 -20.87 4.01
C LEU D 107 11.62 -20.04 2.91
N LEU D 108 11.36 -20.41 1.67
CA LEU D 108 11.94 -19.69 0.54
C LEU D 108 11.39 -18.26 0.50
N ALA D 109 10.10 -18.11 0.74
CA ALA D 109 9.48 -16.80 0.77
C ALA D 109 10.16 -15.91 1.82
N ALA D 110 10.37 -16.47 3.02
CA ALA D 110 11.00 -15.73 4.11
C ALA D 110 12.45 -15.38 3.81
N LYS D 111 13.08 -16.21 3.00
CA LYS D 111 14.49 -16.02 2.67
C LYS D 111 14.68 -15.00 1.53
N ASN D 112 13.65 -14.84 0.69
CA ASN D 112 13.77 -13.98 -0.47
C ASN D 112 13.59 -12.51 -0.11
N ASN D 113 13.20 -12.26 1.13
CA ASN D 113 13.07 -10.89 1.64
C ASN D 113 12.10 -10.00 0.85
N ASP D 114 11.01 -10.57 0.36
CA ASP D 114 9.93 -9.79 -0.27
C ASP D 114 8.66 -9.85 0.60
N ASP D 115 8.24 -8.73 1.21
CA ASP D 115 7.10 -8.79 2.15
C ASP D 115 5.76 -9.23 1.53
N GLU D 116 5.50 -8.81 0.31
CA GLU D 116 4.23 -9.10 -0.35
C GLU D 116 4.15 -10.58 -0.71
N VAL D 117 5.28 -11.12 -1.20
CA VAL D 117 5.34 -12.54 -1.51
C VAL D 117 5.24 -13.40 -0.26
N ALA D 118 5.94 -13.03 0.81
CA ALA D 118 5.89 -13.79 2.03
C ALA D 118 4.45 -13.84 2.56
N ARG D 119 3.76 -12.71 2.51
CA ARG D 119 2.39 -12.66 2.99
C ARG D 119 1.46 -13.55 2.18
N GLU D 120 1.59 -13.50 0.86
CA GLU D 120 0.67 -14.21 0.01
C GLU D 120 0.97 -15.71 0.02
N ILE D 121 2.25 -16.07 0.12
CA ILE D 121 2.60 -17.49 0.23
C ILE D 121 2.10 -18.06 1.57
N ALA D 122 2.27 -17.31 2.66
CA ALA D 122 1.77 -17.77 3.95
C ALA D 122 0.26 -17.97 3.91
N ARG D 123 -0.44 -17.07 3.24
CA ARG D 123 -1.91 -17.17 3.19
C ARG D 123 -2.38 -18.35 2.36
N ALA D 124 -1.69 -18.60 1.26
CA ALA D 124 -2.01 -19.73 0.39
C ALA D 124 -1.79 -21.04 1.14
N ALA D 125 -0.66 -21.12 1.83
CA ALA D 125 -0.40 -22.28 2.69
C ALA D 125 -1.49 -22.44 3.73
N ALA D 126 -1.87 -21.35 4.41
CA ALA D 126 -2.93 -21.45 5.43
C ALA D 126 -4.25 -21.91 4.84
N GLU D 127 -4.56 -21.52 3.61
CA GLU D 127 -5.83 -21.96 3.01
C GLU D 127 -5.80 -23.45 2.69
N ILE D 128 -4.67 -23.91 2.21
CA ILE D 128 -4.50 -25.32 1.87
C ILE D 128 -4.56 -26.14 3.15
N VAL D 129 -3.91 -25.66 4.21
CA VAL D 129 -3.98 -26.35 5.49
C VAL D 129 -5.40 -26.44 6.06
N GLU D 130 -6.13 -25.33 6.01
CA GLU D 130 -7.49 -25.30 6.52
C GLU D 130 -8.35 -26.33 5.81
N ALA D 131 -8.17 -26.43 4.49
CA ALA D 131 -8.98 -27.36 3.69
C ALA D 131 -8.76 -28.81 4.13
N LEU D 132 -7.50 -29.14 4.39
CA LEU D 132 -7.12 -30.48 4.81
C LEU D 132 -7.61 -30.76 6.23
N ARG D 133 -7.69 -29.73 7.09
CA ARG D 133 -8.16 -30.00 8.43
C ARG D 133 -9.65 -30.29 8.42
N GLU D 134 -10.35 -29.77 7.42
CA GLU D 134 -11.74 -30.07 7.26
C GLU D 134 -11.89 -31.48 6.69
N ASN D 135 -10.97 -31.88 5.83
CA ASN D 135 -11.01 -33.22 5.21
C ASN D 135 -9.62 -33.63 4.75
N ASN D 136 -9.00 -34.58 5.47
CA ASN D 136 -7.64 -35.01 5.13
C ASN D 136 -7.61 -36.45 4.58
N SER D 137 -8.67 -36.80 3.87
CA SER D 137 -8.68 -38.02 3.07
C SER D 137 -7.57 -37.99 2.04
N ASP D 138 -7.16 -39.18 1.60
CA ASP D 138 -6.16 -39.33 0.55
C ASP D 138 -6.55 -38.55 -0.71
N GLU D 139 -7.83 -38.58 -1.05
CA GLU D 139 -8.33 -37.86 -2.23
C GLU D 139 -8.18 -36.33 -2.12
N MET D 140 -8.49 -35.77 -0.94
CA MET D 140 -8.31 -34.34 -0.77
C MET D 140 -6.83 -34.01 -0.74
N ALA D 141 -6.04 -34.90 -0.14
CA ALA D 141 -4.59 -34.68 -0.02
C ALA D 141 -3.91 -34.65 -1.39
N LYS D 142 -4.40 -35.44 -2.34
CA LYS D 142 -3.80 -35.44 -3.68
C LYS D 142 -4.03 -34.12 -4.40
N LYS D 143 -5.25 -33.59 -4.33
CA LYS D 143 -5.57 -32.28 -4.92
C LYS D 143 -4.77 -31.17 -4.26
N MET D 144 -4.69 -31.22 -2.94
CA MET D 144 -4.01 -30.18 -2.20
C MET D 144 -2.50 -30.28 -2.41
N LEU D 145 -1.98 -31.48 -2.68
CA LEU D 145 -0.54 -31.60 -2.94
C LEU D 145 -0.18 -30.85 -4.22
N GLU D 146 -1.03 -30.98 -5.24
CA GLU D 146 -0.78 -30.25 -6.48
C GLU D 146 -0.79 -28.74 -6.27
N LEU D 147 -1.68 -28.25 -5.41
CA LEU D 147 -1.70 -26.83 -5.12
C LEU D 147 -0.46 -26.41 -4.31
N ALA D 148 -0.05 -27.25 -3.36
CA ALA D 148 1.13 -26.94 -2.54
C ALA D 148 2.37 -26.91 -3.41
N LYS D 149 2.48 -27.80 -4.39
CA LYS D 149 3.63 -27.77 -5.30
C LYS D 149 3.67 -26.46 -6.10
N ARG D 150 2.49 -25.97 -6.47
CA ARG D 150 2.37 -24.69 -7.18
C ARG D 150 2.68 -23.48 -6.32
N VAL D 151 2.36 -23.57 -5.03
CA VAL D 151 2.74 -22.51 -4.08
C VAL D 151 4.26 -22.43 -3.96
N LEU D 152 4.91 -23.59 -3.87
CA LEU D 152 6.37 -23.62 -3.84
C LEU D 152 6.97 -22.99 -5.11
N ASP D 153 6.37 -23.30 -6.26
CA ASP D 153 6.86 -22.73 -7.52
C ASP D 153 6.68 -21.21 -7.52
N ALA D 154 5.56 -20.75 -6.98
CA ALA D 154 5.30 -19.31 -6.90
C ALA D 154 6.31 -18.59 -6.02
N ALA D 155 6.69 -19.22 -4.92
CA ALA D 155 7.71 -18.68 -4.04
C ALA D 155 9.05 -18.60 -4.79
N LYS D 156 9.34 -19.65 -5.55
CA LYS D 156 10.56 -19.68 -6.36
C LYS D 156 10.57 -18.60 -7.45
N ASN D 157 9.39 -18.25 -7.94
CA ASN D 157 9.28 -17.23 -8.98
C ASN D 157 8.97 -15.85 -8.40
N ASN D 158 8.97 -15.75 -7.07
CA ASN D 158 8.63 -14.51 -6.37
C ASN D 158 7.33 -13.88 -6.91
N ASP D 159 6.31 -14.73 -7.02
CA ASP D 159 5.10 -14.43 -7.77
C ASP D 159 3.89 -14.30 -6.84
N ASP D 160 3.64 -13.09 -6.36
CA ASP D 160 2.57 -12.90 -5.38
C ASP D 160 1.20 -13.06 -6.02
N GLU D 161 1.07 -12.72 -7.30
CA GLU D 161 -0.20 -12.83 -7.99
C GLU D 161 -0.65 -14.30 -8.08
N THR D 162 0.26 -15.18 -8.46
CA THR D 162 -0.08 -16.60 -8.57
C THR D 162 -0.40 -17.19 -7.20
N ALA D 163 0.33 -16.74 -6.19
CA ALA D 163 0.06 -17.20 -4.83
C ALA D 163 -1.39 -16.91 -4.43
N ARG D 164 -1.86 -15.69 -4.73
CA ARG D 164 -3.22 -15.32 -4.40
C ARG D 164 -4.26 -16.17 -5.16
N GLU D 165 -3.96 -16.50 -6.41
CA GLU D 165 -4.86 -17.33 -7.20
C GLU D 165 -4.97 -18.74 -6.61
N ILE D 166 -3.85 -19.29 -6.16
CA ILE D 166 -3.87 -20.62 -5.56
C ILE D 166 -4.67 -20.60 -4.26
N ALA D 167 -4.54 -19.53 -3.48
CA ALA D 167 -5.29 -19.43 -2.25
C ALA D 167 -6.78 -19.45 -2.52
N ARG D 168 -7.21 -18.72 -3.55
CA ARG D 168 -8.61 -18.71 -3.94
C ARG D 168 -9.04 -20.11 -4.39
N GLN D 169 -8.20 -20.78 -5.18
CA GLN D 169 -8.54 -22.13 -5.65
C GLN D 169 -8.64 -23.14 -4.52
N ALA D 170 -7.78 -23.01 -3.51
CA ALA D 170 -7.87 -23.93 -2.36
C ALA D 170 -9.19 -23.75 -1.66
N ALA D 171 -9.59 -22.50 -1.44
CA ALA D 171 -10.86 -22.21 -0.80
C ALA D 171 -12.06 -22.66 -1.65
N GLU D 172 -11.96 -22.56 -2.99
CA GLU D 172 -13.06 -23.01 -3.85
C GLU D 172 -13.14 -24.53 -4.01
N GLU D 173 -12.00 -25.21 -3.92
CA GLU D 173 -12.01 -26.67 -3.98
C GLU D 173 -12.77 -27.22 -2.79
N VAL D 174 -12.58 -26.56 -1.65
CA VAL D 174 -13.32 -26.90 -0.43
C VAL D 174 -14.81 -26.74 -0.67
N GLU D 175 -15.19 -25.62 -1.28
CA GLU D 175 -16.58 -25.31 -1.57
C GLU D 175 -17.23 -26.40 -2.42
N ALA D 176 -16.52 -26.87 -3.44
CA ALA D 176 -17.00 -27.97 -4.28
C ALA D 176 -17.16 -29.25 -3.46
#